data_3LCM
#
_entry.id   3LCM
#
_cell.length_a   50.601
_cell.length_b   79.118
_cell.length_c   106.281
_cell.angle_alpha   90.00
_cell.angle_beta   90.01
_cell.angle_gamma   90.00
#
_symmetry.space_group_name_H-M   'P 1 21 1'
#
loop_
_entity.id
_entity.type
_entity.pdbx_description
1 polymer 'Putative oxidoreductase'
2 non-polymer 'FLAVIN-ADENINE DINUCLEOTIDE'
3 non-polymer 'NADP NICOTINAMIDE-ADENINE-DINUCLEOTIDE PHOSPHATE'
4 water water
#
_entity_poly.entity_id   1
_entity_poly.type   'polypeptide(L)'
_entity_poly.pdbx_seq_one_letter_code
;MKILIVYTHPNPTSFNAEILKQVQTNLSKEHTVSTLDLYAEHFDPVLQFNETHKRRDLAKVAEMEKYRDLVTWADHLIFI
FPIWWSGMPAILKGFIDRVFVADFAYSYKKVGLEGHLQGKSAWIITTHNTPSFAMPFVQDYGKVLKKQILKPCAISPVKL
TELTSIEKISDDERQKLLHKVAQITRNILEHHHHHH
;
_entity_poly.pdbx_strand_id   A,B,C,D
#
loop_
_chem_comp.id
_chem_comp.type
_chem_comp.name
_chem_comp.formula
FAD non-polymer 'FLAVIN-ADENINE DINUCLEOTIDE' 'C27 H33 N9 O15 P2'
NAP non-polymer 'NADP NICOTINAMIDE-ADENINE-DINUCLEOTIDE PHOSPHATE' 'C21 H28 N7 O17 P3'
#
# COMPACT_ATOMS: atom_id res chain seq x y z
N MET A 1 11.14 -6.30 -5.58
CA MET A 1 11.65 -4.99 -5.18
C MET A 1 10.53 -4.12 -4.58
N LYS A 2 10.88 -2.95 -4.07
CA LYS A 2 9.89 -2.03 -3.50
C LYS A 2 9.47 -0.97 -4.51
N ILE A 3 8.16 -0.93 -4.79
CA ILE A 3 7.62 -0.06 -5.83
C ILE A 3 6.68 0.99 -5.26
N LEU A 4 6.97 2.25 -5.55
CA LEU A 4 6.06 3.33 -5.20
C LEU A 4 5.35 3.80 -6.46
N ILE A 5 4.01 3.74 -6.45
CA ILE A 5 3.22 4.29 -7.55
C ILE A 5 2.72 5.66 -7.14
N VAL A 6 3.17 6.69 -7.85
CA VAL A 6 2.67 8.04 -7.61
C VAL A 6 1.59 8.35 -8.65
N TYR A 7 0.34 8.41 -8.18
CA TYR A 7 -0.84 8.55 -9.02
C TYR A 7 -1.51 9.93 -8.90
N THR A 8 -1.74 10.57 -10.04
CA THR A 8 -2.26 11.93 -10.06
C THR A 8 -3.47 12.05 -11.00
N HIS A 9 -4.67 12.07 -10.41
CA HIS A 9 -5.89 12.41 -11.13
C HIS A 9 -7.04 12.63 -10.15
N PRO A 10 -7.80 13.72 -10.35
CA PRO A 10 -8.86 14.08 -9.40
C PRO A 10 -10.09 13.17 -9.48
N ASN A 11 -10.28 12.46 -10.59
CA ASN A 11 -11.47 11.63 -10.82
C ASN A 11 -11.24 10.14 -10.67
N PRO A 12 -11.85 9.55 -9.63
CA PRO A 12 -11.74 8.13 -9.31
C PRO A 12 -12.26 7.23 -10.44
N THR A 13 -13.11 7.78 -11.31
CA THR A 13 -13.62 7.02 -12.44
C THR A 13 -12.98 7.45 -13.76
N SER A 14 -11.75 7.97 -13.68
CA SER A 14 -11.03 8.43 -14.85
C SER A 14 -10.35 7.27 -15.58
N PHE A 15 -9.86 7.54 -16.78
CA PHE A 15 -9.09 6.55 -17.53
C PHE A 15 -7.76 6.32 -16.81
N ASN A 16 -7.17 7.37 -16.22
CA ASN A 16 -5.96 7.25 -15.41
C ASN A 16 -6.18 6.31 -14.23
N ALA A 17 -7.36 6.36 -13.63
CA ALA A 17 -7.70 5.47 -12.54
C ALA A 17 -7.63 4.02 -13.01
N GLU A 18 -8.10 3.79 -14.23
CA GLU A 18 -8.08 2.45 -14.81
C GLU A 18 -6.65 2.03 -15.15
N ILE A 19 -5.81 2.97 -15.54
CA ILE A 19 -4.37 2.70 -15.73
C ILE A 19 -3.74 2.25 -14.41
N LEU A 20 -4.01 2.99 -13.34
CA LEU A 20 -3.57 2.63 -11.98
C LEU A 20 -3.97 1.21 -11.60
N LYS A 21 -5.25 0.88 -11.78
CA LYS A 21 -5.73 -0.46 -11.47
C LYS A 21 -4.98 -1.56 -12.26
N GLN A 22 -4.72 -1.31 -13.54
CA GLN A 22 -3.93 -2.23 -14.36
C GLN A 22 -2.51 -2.43 -13.82
N VAL A 23 -1.88 -1.34 -13.41
CA VAL A 23 -0.53 -1.44 -12.87
C VAL A 23 -0.56 -2.21 -11.54
N GLN A 24 -1.46 -1.80 -10.64
CA GLN A 24 -1.56 -2.43 -9.33
C GLN A 24 -1.87 -3.92 -9.43
N THR A 25 -2.77 -4.27 -10.35
CA THR A 25 -3.21 -5.65 -10.46
C THR A 25 -2.21 -6.59 -11.13
N ASN A 26 -1.28 -6.03 -11.90
CA ASN A 26 -0.34 -6.82 -12.70
C ASN A 26 1.13 -6.82 -12.22
N LEU A 27 1.41 -6.10 -11.14
CA LEU A 27 2.75 -6.15 -10.58
C LEU A 27 2.99 -7.49 -9.90
N SER A 28 4.15 -8.10 -10.15
CA SER A 28 4.47 -9.39 -9.55
C SER A 28 4.25 -9.33 -8.03
N LYS A 29 3.80 -10.43 -7.44
CA LYS A 29 3.54 -10.49 -6.00
C LYS A 29 4.84 -10.52 -5.20
N GLU A 30 5.98 -10.68 -5.88
CA GLU A 30 7.27 -10.64 -5.20
C GLU A 30 7.61 -9.23 -4.74
N HIS A 31 7.02 -8.25 -5.41
CA HIS A 31 7.26 -6.86 -5.10
C HIS A 31 6.43 -6.42 -3.91
N THR A 32 6.91 -5.39 -3.21
CA THR A 32 6.11 -4.72 -2.21
C THR A 32 5.71 -3.40 -2.84
N VAL A 33 4.41 -3.20 -3.01
CA VAL A 33 3.93 -2.04 -3.76
C VAL A 33 3.21 -1.09 -2.82
N SER A 34 3.50 0.19 -2.95
CA SER A 34 2.73 1.21 -2.23
C SER A 34 2.27 2.33 -3.18
N THR A 35 0.97 2.60 -3.14
CA THR A 35 0.40 3.61 -4.02
C THR A 35 0.23 4.93 -3.27
N LEU A 36 0.67 6.01 -3.89
CA LEU A 36 0.47 7.36 -3.36
C LEU A 36 -0.53 8.13 -4.23
N ASP A 37 -1.77 8.22 -3.75
CA ASP A 37 -2.82 8.95 -4.45
C ASP A 37 -2.76 10.40 -4.00
N LEU A 38 -2.11 11.25 -4.79
CA LEU A 38 -1.86 12.62 -4.35
C LEU A 38 -3.15 13.38 -4.07
N TYR A 39 -4.18 13.15 -4.88
CA TYR A 39 -5.49 13.77 -4.67
C TYR A 39 -6.22 13.26 -3.41
N ALA A 40 -6.25 11.94 -3.26
CA ALA A 40 -6.82 11.32 -2.07
C ALA A 40 -6.16 11.79 -0.77
N GLU A 41 -4.84 12.01 -0.81
CA GLU A 41 -4.08 12.47 0.36
C GLU A 41 -4.27 13.96 0.64
N HIS A 42 -5.05 14.64 -0.21
CA HIS A 42 -5.20 16.08 -0.18
C HIS A 42 -3.82 16.74 -0.10
N PHE A 43 -2.87 16.22 -0.88
CA PHE A 43 -1.51 16.73 -0.89
C PHE A 43 -1.49 18.23 -1.19
N ASP A 44 -0.76 18.98 -0.36
CA ASP A 44 -0.55 20.41 -0.54
C ASP A 44 0.71 20.64 -1.40
N PRO A 45 0.52 21.05 -2.66
CA PRO A 45 1.65 21.16 -3.58
C PRO A 45 2.38 22.50 -3.50
N VAL A 46 2.07 23.35 -2.53
CA VAL A 46 2.66 24.68 -2.47
C VAL A 46 3.92 24.74 -1.60
N LEU A 47 5.07 24.85 -2.26
CA LEU A 47 6.34 25.01 -1.60
C LEU A 47 6.42 26.37 -0.89
N GLN A 48 6.78 26.33 0.38
CA GLN A 48 6.89 27.56 1.18
C GLN A 48 8.31 27.75 1.67
N PHE A 49 8.86 28.94 1.50
CA PHE A 49 10.09 29.34 2.17
C PHE A 49 10.21 30.86 2.24
N ASN A 50 10.96 31.30 3.24
CA ASN A 50 11.02 32.71 3.59
C ASN A 50 12.13 32.86 4.61
N GLU A 51 12.24 34.06 5.20
CA GLU A 51 13.32 34.33 6.15
C GLU A 51 13.16 33.48 7.42
N THR A 52 11.92 33.20 7.78
CA THR A 52 11.63 32.37 8.95
C THR A 52 11.95 30.89 8.68
N HIS A 53 11.21 30.29 7.75
CA HIS A 53 11.46 28.91 7.36
C HIS A 53 12.34 28.83 6.12
N LYS A 54 13.64 28.81 6.35
CA LYS A 54 14.64 28.97 5.30
C LYS A 54 14.57 27.85 4.28
N ARG A 55 14.89 28.21 3.07
CA ARG A 55 14.98 27.25 2.00
C ARG A 55 15.95 26.13 2.35
N ARG A 56 17.04 26.51 3.03
CA ARG A 56 18.09 25.61 3.47
C ARG A 56 17.55 24.42 4.28
N ASP A 57 16.40 24.61 4.91
CA ASP A 57 15.84 23.61 5.82
C ASP A 57 14.67 22.81 5.22
N LEU A 58 14.56 22.82 3.90
CA LEU A 58 13.44 22.14 3.23
C LEU A 58 13.46 20.63 3.44
N ALA A 59 14.66 20.06 3.49
CA ALA A 59 14.80 18.62 3.65
C ALA A 59 14.35 18.14 5.04
N LYS A 60 14.06 19.07 5.93
CA LYS A 60 13.59 18.72 7.28
C LYS A 60 12.15 19.21 7.57
N VAL A 61 11.45 19.68 6.54
CA VAL A 61 10.06 20.10 6.70
C VAL A 61 9.23 18.90 7.16
N ALA A 62 8.50 19.08 8.26
CA ALA A 62 7.79 17.97 8.90
C ALA A 62 6.72 17.33 8.02
N GLU A 63 5.88 18.15 7.39
CA GLU A 63 4.73 17.68 6.65
C GLU A 63 5.12 16.77 5.50
N MET A 64 6.34 16.96 5.01
CA MET A 64 6.82 16.20 3.86
C MET A 64 7.54 14.92 4.22
N GLU A 65 7.73 14.69 5.52
CA GLU A 65 8.57 13.59 5.93
C GLU A 65 8.03 12.26 5.45
N LYS A 66 6.71 12.09 5.51
CA LYS A 66 6.05 10.88 5.08
C LYS A 66 6.36 10.56 3.61
N TYR A 67 6.46 11.60 2.81
CA TYR A 67 6.73 11.46 1.37
C TYR A 67 8.20 11.29 1.03
N ARG A 68 9.08 12.01 1.73
CA ARG A 68 10.50 11.71 1.64
C ARG A 68 10.76 10.23 1.94
N ASP A 69 10.13 9.72 3.00
CA ASP A 69 10.35 8.33 3.41
C ASP A 69 9.87 7.31 2.36
N LEU A 70 8.77 7.64 1.68
CA LEU A 70 8.28 6.79 0.60
C LEU A 70 9.27 6.70 -0.55
N VAL A 71 9.84 7.83 -0.95
CA VAL A 71 10.85 7.84 -2.01
C VAL A 71 12.11 7.07 -1.61
N THR A 72 12.61 7.33 -0.42
CA THR A 72 13.79 6.61 0.07
C THR A 72 13.55 5.10 0.05
N TRP A 73 12.39 4.71 0.52
CA TRP A 73 12.00 3.31 0.56
C TRP A 73 11.98 2.66 -0.84
N ALA A 74 11.45 3.37 -1.84
CA ALA A 74 11.22 2.82 -3.16
C ALA A 74 12.50 2.44 -3.90
N ASP A 75 12.44 1.32 -4.63
CA ASP A 75 13.49 0.92 -5.56
C ASP A 75 13.10 1.35 -6.96
N HIS A 76 11.80 1.43 -7.21
CA HIS A 76 11.26 1.74 -8.53
C HIS A 76 10.06 2.65 -8.37
N LEU A 77 10.04 3.78 -9.08
CA LEU A 77 8.90 4.69 -9.02
C LEU A 77 8.09 4.68 -10.31
N ILE A 78 6.79 4.49 -10.19
CA ILE A 78 5.89 4.56 -11.34
C ILE A 78 5.01 5.82 -11.21
N PHE A 79 5.14 6.73 -12.17
CA PHE A 79 4.32 7.94 -12.18
C PHE A 79 3.18 7.78 -13.18
N ILE A 80 1.95 8.00 -12.72
CA ILE A 80 0.77 7.96 -13.59
C ILE A 80 0.06 9.32 -13.55
N PHE A 81 -0.04 9.97 -14.70
CA PHE A 81 -0.72 11.27 -14.79
C PHE A 81 -1.14 11.69 -16.20
N PRO A 82 -2.23 12.49 -16.32
CA PRO A 82 -2.60 13.12 -17.59
C PRO A 82 -1.76 14.36 -17.84
N ILE A 83 -1.48 14.65 -19.10
CA ILE A 83 -0.81 15.88 -19.47
C ILE A 83 -1.78 17.06 -19.35
N TRP A 84 -1.44 18.03 -18.51
CA TRP A 84 -2.19 19.28 -18.43
C TRP A 84 -1.25 20.41 -18.81
N TRP A 85 -1.57 21.11 -19.88
CA TRP A 85 -0.72 22.20 -20.35
C TRP A 85 0.74 21.75 -20.49
N SER A 86 0.93 20.69 -21.28
CA SER A 86 2.25 20.18 -21.66
C SER A 86 3.05 19.48 -20.57
N GLY A 87 2.48 19.32 -19.37
CA GLY A 87 3.23 18.72 -18.28
C GLY A 87 2.42 18.20 -17.11
N MET A 88 3.04 18.19 -15.94
CA MET A 88 2.43 17.61 -14.75
C MET A 88 1.32 18.50 -14.22
N PRO A 89 0.22 17.87 -13.80
CA PRO A 89 -0.80 18.55 -13.01
C PRO A 89 -0.11 19.29 -11.86
N ALA A 90 -0.60 20.45 -11.50
CA ALA A 90 0.01 21.27 -10.46
C ALA A 90 0.26 20.49 -9.17
N ILE A 91 -0.67 19.60 -8.81
CA ILE A 91 -0.49 18.82 -7.57
C ILE A 91 0.75 17.91 -7.63
N LEU A 92 1.07 17.38 -8.81
CA LEU A 92 2.26 16.53 -8.96
C LEU A 92 3.56 17.35 -9.11
N LYS A 93 3.47 18.46 -9.84
CA LYS A 93 4.58 19.40 -9.92
C LYS A 93 5.01 19.80 -8.50
N GLY A 94 4.04 20.09 -7.64
CA GLY A 94 4.31 20.47 -6.27
C GLY A 94 4.87 19.33 -5.42
N PHE A 95 4.52 18.09 -5.76
CA PHE A 95 5.11 16.91 -5.11
C PHE A 95 6.64 16.93 -5.32
N ILE A 96 7.06 17.17 -6.55
CA ILE A 96 8.47 17.31 -6.87
C ILE A 96 9.05 18.55 -6.18
N ASP A 97 8.37 19.70 -6.32
CA ASP A 97 8.83 20.94 -5.69
C ASP A 97 9.15 20.74 -4.21
N ARG A 98 8.22 20.11 -3.49
CA ARG A 98 8.31 20.01 -2.03
C ARG A 98 9.13 18.82 -1.50
N VAL A 99 9.11 17.69 -2.21
CA VAL A 99 9.74 16.46 -1.74
C VAL A 99 11.17 16.31 -2.28
N PHE A 100 11.34 16.57 -3.56
CA PHE A 100 12.63 16.39 -4.22
C PHE A 100 13.51 17.62 -3.99
N VAL A 101 13.94 17.84 -2.75
CA VAL A 101 14.66 19.05 -2.38
C VAL A 101 16.15 18.80 -2.18
N ALA A 102 16.94 19.86 -2.19
CA ALA A 102 18.38 19.77 -1.97
C ALA A 102 18.68 19.13 -0.61
N ASP A 103 19.75 18.34 -0.55
CA ASP A 103 20.10 17.57 0.63
C ASP A 103 19.13 16.43 0.89
N PHE A 104 18.26 16.15 -0.09
CA PHE A 104 17.50 14.92 -0.09
C PHE A 104 17.62 14.19 -1.42
N ALA A 105 17.09 14.79 -2.48
CA ALA A 105 17.09 14.14 -3.80
C ALA A 105 18.36 14.47 -4.57
N TYR A 106 19.02 15.55 -4.17
CA TYR A 106 20.21 16.04 -4.86
C TYR A 106 20.98 17.03 -3.96
N SER A 107 22.24 17.28 -4.33
CA SER A 107 22.99 18.38 -3.73
C SER A 107 23.87 19.02 -4.78
N TYR A 108 24.59 20.06 -4.40
CA TYR A 108 25.39 20.79 -5.37
C TYR A 108 26.84 20.32 -5.37
N LYS A 109 27.33 19.96 -6.55
CA LYS A 109 28.74 19.65 -6.75
C LYS A 109 29.52 20.95 -6.92
N LYS A 110 30.85 20.86 -6.96
CA LYS A 110 31.65 22.04 -7.22
C LYS A 110 31.03 22.79 -8.39
N VAL A 111 30.63 22.03 -9.40
CA VAL A 111 30.14 22.60 -10.65
C VAL A 111 28.65 22.29 -10.94
N GLY A 112 28.26 21.03 -10.87
CA GLY A 112 26.90 20.66 -11.27
C GLY A 112 25.97 20.31 -10.12
N LEU A 113 25.18 19.26 -10.31
CA LEU A 113 24.41 18.66 -9.23
C LEU A 113 24.84 17.22 -9.10
N GLU A 114 24.77 16.67 -7.89
CA GLU A 114 24.91 15.25 -7.69
C GLU A 114 23.57 14.71 -7.22
N GLY A 115 23.00 13.76 -7.94
CA GLY A 115 21.80 13.09 -7.50
C GLY A 115 22.10 12.16 -6.33
N HIS A 116 21.14 12.03 -5.41
CA HIS A 116 21.28 11.12 -4.28
C HIS A 116 20.30 9.96 -4.30
N LEU A 117 19.47 9.89 -5.34
CA LEU A 117 18.45 8.83 -5.42
C LEU A 117 18.91 7.68 -6.30
N GLN A 118 20.24 7.52 -6.36
CA GLN A 118 20.87 6.42 -7.06
C GLN A 118 20.42 5.04 -6.60
N GLY A 119 20.38 4.09 -7.50
CA GLY A 119 19.86 2.77 -7.17
C GLY A 119 18.36 2.67 -7.40
N LYS A 120 17.76 3.75 -7.88
CA LYS A 120 16.33 3.76 -8.20
C LYS A 120 16.11 3.89 -9.69
N SER A 121 15.02 3.30 -10.17
CA SER A 121 14.62 3.46 -11.57
C SER A 121 13.20 3.98 -11.59
N ALA A 122 12.68 4.27 -12.78
CA ALA A 122 11.34 4.85 -12.87
C ALA A 122 10.62 4.48 -14.16
N TRP A 123 9.30 4.61 -14.11
CA TRP A 123 8.42 4.42 -15.24
C TRP A 123 7.41 5.53 -15.18
N ILE A 124 7.30 6.31 -16.24
CA ILE A 124 6.29 7.36 -16.34
C ILE A 124 5.22 6.93 -17.35
N ILE A 125 3.96 6.93 -16.92
CA ILE A 125 2.84 6.73 -17.82
C ILE A 125 2.02 8.00 -17.95
N THR A 126 2.02 8.58 -19.15
CA THR A 126 1.28 9.80 -19.40
C THR A 126 0.16 9.57 -20.40
N THR A 127 -0.90 10.35 -20.29
CA THR A 127 -1.97 10.33 -21.28
C THR A 127 -2.17 11.75 -21.82
N HIS A 128 -2.41 11.87 -23.12
CA HIS A 128 -2.79 13.18 -23.67
C HIS A 128 -3.55 13.06 -25.00
N ASN A 129 -3.93 14.21 -25.52
CA ASN A 129 -4.72 14.29 -26.75
C ASN A 129 -3.93 14.66 -28.01
N THR A 130 -2.62 14.70 -27.88
CA THR A 130 -1.75 15.16 -28.97
C THR A 130 -1.22 13.97 -29.75
N PRO A 131 -1.12 14.09 -31.08
CA PRO A 131 -0.60 13.00 -31.93
C PRO A 131 0.83 12.64 -31.57
N SER A 132 1.20 11.38 -31.72
CA SER A 132 2.51 10.95 -31.26
C SER A 132 3.65 11.45 -32.15
N PHE A 133 3.34 11.86 -33.39
CA PHE A 133 4.38 12.38 -34.28
C PHE A 133 4.85 13.76 -33.81
N ALA A 134 4.01 14.43 -33.04
CA ALA A 134 4.33 15.76 -32.51
C ALA A 134 5.29 15.69 -31.32
N MET A 135 5.50 14.48 -30.80
CA MET A 135 6.20 14.34 -29.53
C MET A 135 7.66 14.81 -29.56
N PRO A 136 8.43 14.43 -30.59
CA PRO A 136 9.81 14.92 -30.70
C PRO A 136 9.92 16.46 -30.81
N PHE A 137 8.78 17.12 -31.06
CA PHE A 137 8.79 18.55 -31.36
C PHE A 137 8.24 19.43 -30.24
N VAL A 138 7.39 18.88 -29.37
CA VAL A 138 6.82 19.67 -28.29
C VAL A 138 7.77 19.74 -27.09
N GLN A 139 7.66 20.82 -26.33
CA GLN A 139 8.39 20.96 -25.09
C GLN A 139 7.70 20.15 -24.01
N ASP A 140 8.49 19.49 -23.17
CA ASP A 140 8.00 18.71 -22.04
C ASP A 140 7.18 17.48 -22.47
N TYR A 141 5.88 17.49 -22.18
CA TYR A 141 5.05 16.29 -22.32
C TYR A 141 5.67 15.06 -21.65
N GLY A 142 6.17 15.25 -20.42
CA GLY A 142 6.76 14.15 -19.66
C GLY A 142 8.27 14.09 -19.76
N LYS A 143 8.82 14.71 -20.80
CA LYS A 143 10.26 14.77 -21.02
C LYS A 143 11.04 15.55 -19.94
N VAL A 144 10.41 16.56 -19.37
CA VAL A 144 11.06 17.30 -18.30
C VAL A 144 11.24 16.42 -17.05
N LEU A 145 10.17 15.74 -16.63
CA LEU A 145 10.25 14.83 -15.50
C LEU A 145 11.31 13.75 -15.72
N LYS A 146 11.28 13.13 -16.89
CA LYS A 146 12.28 12.11 -17.24
C LYS A 146 13.72 12.63 -17.32
N LYS A 147 13.93 13.65 -18.14
CA LYS A 147 15.27 14.12 -18.50
C LYS A 147 15.81 15.17 -17.54
N GLN A 148 14.92 16.02 -17.03
CA GLN A 148 15.36 17.19 -16.28
C GLN A 148 14.97 17.18 -14.81
N ILE A 149 14.32 16.12 -14.35
CA ILE A 149 14.05 15.96 -12.93
C ILE A 149 14.59 14.64 -12.41
N LEU A 150 13.97 13.55 -12.84
CA LEU A 150 14.36 12.23 -12.37
C LEU A 150 15.84 11.97 -12.63
N LYS A 151 16.27 12.14 -13.88
CA LYS A 151 17.64 11.81 -14.27
C LYS A 151 18.68 12.57 -13.45
N PRO A 152 18.52 13.90 -13.31
CA PRO A 152 19.50 14.64 -12.50
C PRO A 152 19.58 14.17 -11.05
N CYS A 153 18.51 13.56 -10.53
CA CYS A 153 18.49 13.03 -9.17
C CYS A 153 19.07 11.62 -9.09
N ALA A 154 19.66 11.17 -10.20
CA ALA A 154 20.35 9.89 -10.31
C ALA A 154 19.42 8.68 -10.41
N ILE A 155 18.17 8.93 -10.78
CA ILE A 155 17.23 7.85 -10.99
C ILE A 155 17.38 7.38 -12.44
N SER A 156 17.58 6.07 -12.60
CA SER A 156 17.89 5.47 -13.90
C SER A 156 17.87 3.96 -13.83
N PRO A 157 17.34 3.31 -14.88
CA PRO A 157 16.86 4.05 -16.05
C PRO A 157 15.47 4.64 -15.79
N VAL A 158 14.99 5.43 -16.75
CA VAL A 158 13.64 5.97 -16.71
C VAL A 158 12.99 5.64 -18.04
N LYS A 159 11.85 4.98 -17.98
CA LYS A 159 11.03 4.65 -19.12
C LYS A 159 9.87 5.61 -19.22
N LEU A 160 9.68 6.15 -20.40
CA LEU A 160 8.54 7.03 -20.63
C LEU A 160 7.55 6.37 -21.60
N THR A 161 6.31 6.19 -21.15
CA THR A 161 5.27 5.58 -21.96
C THR A 161 4.14 6.58 -22.19
N GLU A 162 3.96 6.99 -23.42
CA GLU A 162 3.01 8.04 -23.78
C GLU A 162 1.79 7.38 -24.41
N LEU A 163 0.64 7.57 -23.82
CA LEU A 163 -0.65 7.23 -24.39
C LEU A 163 -1.26 8.45 -25.12
N THR A 164 -1.19 8.45 -26.47
CA THR A 164 -1.46 9.64 -27.30
C THR A 164 -2.84 9.63 -28.01
N SER A 165 -3.30 10.79 -28.48
CA SER A 165 -4.65 10.89 -29.01
C SER A 165 -5.61 10.07 -28.14
N ILE A 166 -5.45 10.20 -26.82
CA ILE A 166 -6.11 9.30 -25.87
C ILE A 166 -7.64 9.46 -25.86
N GLU A 167 -8.11 10.64 -26.25
CA GLU A 167 -9.55 10.92 -26.29
C GLU A 167 -10.14 10.72 -27.68
N LYS A 168 -9.35 10.96 -28.72
CA LYS A 168 -9.80 10.79 -30.09
C LYS A 168 -10.04 9.32 -30.46
N ILE A 169 -9.12 8.45 -30.03
CA ILE A 169 -9.21 7.02 -30.31
C ILE A 169 -10.50 6.38 -29.77
N SER A 170 -10.80 5.17 -30.26
CA SER A 170 -12.01 4.45 -29.88
C SER A 170 -11.88 3.81 -28.51
N ASP A 171 -13.00 3.39 -27.95
CA ASP A 171 -12.97 2.69 -26.67
C ASP A 171 -12.20 1.37 -26.80
N ASP A 172 -12.19 0.79 -28.00
CA ASP A 172 -11.45 -0.44 -28.26
C ASP A 172 -9.94 -0.19 -28.28
N GLU A 173 -9.54 0.89 -28.93
CA GLU A 173 -8.14 1.27 -29.00
C GLU A 173 -7.61 1.60 -27.61
N ARG A 174 -8.43 2.24 -26.79
CA ARG A 174 -8.05 2.54 -25.41
C ARG A 174 -7.86 1.27 -24.59
N GLN A 175 -8.76 0.30 -24.75
CA GLN A 175 -8.62 -0.99 -24.08
C GLN A 175 -7.33 -1.70 -24.53
N LYS A 176 -6.99 -1.57 -25.81
CA LYS A 176 -5.71 -2.11 -26.28
C LYS A 176 -4.54 -1.39 -25.61
N LEU A 177 -4.71 -0.10 -25.34
CA LEU A 177 -3.69 0.62 -24.58
C LEU A 177 -3.52 0.06 -23.16
N LEU A 178 -4.64 -0.26 -22.50
CA LEU A 178 -4.61 -0.86 -21.17
C LEU A 178 -3.88 -2.21 -21.21
N HIS A 179 -4.07 -2.96 -22.27
CA HIS A 179 -3.35 -4.22 -22.47
C HIS A 179 -1.85 -3.97 -22.47
N LYS A 180 -1.41 -2.94 -23.19
CA LYS A 180 0.01 -2.59 -23.27
C LYS A 180 0.60 -2.30 -21.88
N VAL A 181 -0.08 -1.45 -21.11
CA VAL A 181 0.33 -1.17 -19.73
C VAL A 181 0.40 -2.45 -18.91
N ALA A 182 -0.67 -3.24 -18.93
CA ALA A 182 -0.71 -4.49 -18.17
C ALA A 182 0.48 -5.39 -18.47
N GLN A 183 0.86 -5.45 -19.74
CA GLN A 183 1.93 -6.34 -20.17
C GLN A 183 3.34 -5.81 -19.86
N ILE A 184 3.55 -4.50 -20.00
CA ILE A 184 4.80 -3.89 -19.56
C ILE A 184 4.94 -4.09 -18.05
N THR A 185 3.82 -3.96 -17.34
CA THR A 185 3.81 -4.08 -15.88
C THR A 185 4.30 -5.45 -15.45
N ARG A 186 3.84 -6.48 -16.15
CA ARG A 186 4.21 -7.86 -15.85
C ARG A 186 5.70 -8.14 -16.00
N ASN A 187 6.38 -7.35 -16.82
CA ASN A 187 7.81 -7.51 -17.03
C ASN A 187 8.66 -6.65 -16.11
N ILE A 188 8.02 -6.04 -15.12
CA ILE A 188 8.77 -5.38 -14.05
C ILE A 188 9.15 -6.45 -13.04
N LEU A 189 10.42 -6.85 -13.08
CA LEU A 189 10.90 -7.97 -12.30
C LEU A 189 12.37 -7.75 -11.95
N GLU A 190 12.78 -8.22 -10.78
CA GLU A 190 14.20 -8.24 -10.46
C GLU A 190 14.84 -9.24 -11.44
N HIS A 191 16.10 -9.01 -11.81
CA HIS A 191 16.72 -9.84 -12.83
C HIS A 191 16.66 -11.32 -12.46
N HIS A 192 16.36 -12.14 -13.47
CA HIS A 192 16.29 -13.59 -13.31
C HIS A 192 15.18 -14.07 -12.37
N HIS A 193 14.16 -13.23 -12.21
CA HIS A 193 12.96 -13.60 -11.48
C HIS A 193 11.80 -13.59 -12.44
N HIS A 194 10.80 -14.42 -12.18
CA HIS A 194 9.60 -14.44 -13.01
C HIS A 194 8.41 -13.82 -12.28
N HIS A 195 7.33 -13.60 -13.02
CA HIS A 195 6.14 -12.99 -12.47
C HIS A 195 5.35 -13.91 -11.54
N HIS A 196 5.16 -13.47 -10.30
CA HIS A 196 4.31 -14.19 -9.34
C HIS A 196 2.90 -13.56 -9.30
N MET B 1 -3.02 51.06 -21.03
CA MET B 1 -3.83 49.86 -21.08
C MET B 1 -4.02 49.25 -19.69
N LYS B 2 -4.75 48.14 -19.64
CA LYS B 2 -5.05 47.46 -18.38
C LYS B 2 -4.04 46.36 -18.17
N ILE B 3 -3.28 46.46 -17.09
CA ILE B 3 -2.16 45.56 -16.85
C ILE B 3 -2.36 44.68 -15.62
N LEU B 4 -2.23 43.37 -15.82
CA LEU B 4 -2.29 42.42 -14.71
C LEU B 4 -0.92 41.80 -14.52
N ILE B 5 -0.31 42.02 -13.36
CA ILE B 5 0.92 41.34 -12.99
C ILE B 5 0.59 40.11 -12.15
N VAL B 6 0.92 38.93 -12.68
CA VAL B 6 0.75 37.69 -11.92
C VAL B 6 2.11 37.31 -11.34
N TYR B 7 2.26 37.50 -10.04
CA TYR B 7 3.53 37.31 -9.34
C TYR B 7 3.56 36.01 -8.50
N THR B 8 4.62 35.21 -8.68
CA THR B 8 4.75 33.92 -7.98
C THR B 8 6.08 33.73 -7.23
N HIS B 9 6.04 33.87 -5.91
CA HIS B 9 7.16 33.52 -5.04
C HIS B 9 6.71 33.53 -3.58
N PRO B 10 7.21 32.56 -2.78
CA PRO B 10 6.78 32.44 -1.39
C PRO B 10 7.35 33.55 -0.49
N ASN B 11 8.48 34.13 -0.90
CA ASN B 11 9.25 35.04 -0.05
C ASN B 11 9.21 36.51 -0.46
N PRO B 12 8.55 37.35 0.35
CA PRO B 12 8.36 38.80 0.13
C PRO B 12 9.66 39.57 -0.04
N THR B 13 10.78 39.00 0.40
CA THR B 13 12.07 39.66 0.27
C THR B 13 13.00 38.91 -0.69
N SER B 14 12.39 38.17 -1.61
CA SER B 14 13.15 37.43 -2.61
C SER B 14 13.66 38.36 -3.71
N PHE B 15 14.47 37.83 -4.61
CA PHE B 15 14.90 38.60 -5.76
C PHE B 15 13.70 38.81 -6.70
N ASN B 16 12.86 37.81 -6.80
CA ASN B 16 11.63 37.97 -7.55
C ASN B 16 10.77 39.13 -7.01
N ALA B 17 10.64 39.22 -5.70
CA ALA B 17 9.94 40.34 -5.09
C ALA B 17 10.54 41.65 -5.56
N GLU B 18 11.87 41.70 -5.66
CA GLU B 18 12.55 42.87 -6.17
C GLU B 18 12.17 43.14 -7.64
N ILE B 19 12.14 42.08 -8.44
CA ILE B 19 11.70 42.19 -9.82
C ILE B 19 10.28 42.76 -9.89
N LEU B 20 9.41 42.31 -8.98
CA LEU B 20 8.05 42.83 -8.93
C LEU B 20 8.08 44.33 -8.71
N LYS B 21 8.88 44.76 -7.74
CA LYS B 21 8.99 46.19 -7.42
C LYS B 21 9.44 47.03 -8.60
N GLN B 22 10.46 46.58 -9.32
CA GLN B 22 10.94 47.28 -10.50
C GLN B 22 9.80 47.49 -11.50
N VAL B 23 9.04 46.43 -11.76
CA VAL B 23 7.92 46.53 -12.70
C VAL B 23 6.85 47.50 -12.21
N GLN B 24 6.40 47.31 -10.96
CA GLN B 24 5.36 48.15 -10.38
C GLN B 24 5.70 49.64 -10.39
N THR B 25 6.94 49.97 -10.05
CA THR B 25 7.34 51.38 -9.96
C THR B 25 7.64 52.01 -11.33
N ASN B 26 7.94 51.20 -12.33
CA ASN B 26 8.32 51.72 -13.65
C ASN B 26 7.22 51.72 -14.69
N LEU B 27 6.09 51.08 -14.39
CA LEU B 27 4.94 51.12 -15.30
C LEU B 27 4.30 52.52 -15.33
N SER B 28 4.16 53.07 -16.52
CA SER B 28 3.63 54.43 -16.69
C SER B 28 2.33 54.62 -15.90
N LYS B 29 2.08 55.86 -15.49
CA LYS B 29 0.89 56.17 -14.71
C LYS B 29 -0.37 56.23 -15.58
N GLU B 30 -0.18 56.09 -16.89
CA GLU B 30 -1.29 56.00 -17.86
C GLU B 30 -1.92 54.60 -17.90
N HIS B 31 -1.19 53.58 -17.43
CA HIS B 31 -1.74 52.24 -17.33
C HIS B 31 -2.53 52.10 -16.05
N THR B 32 -3.50 51.19 -16.04
CA THR B 32 -4.18 50.83 -14.80
C THR B 32 -3.68 49.44 -14.45
N VAL B 33 -3.19 49.28 -13.23
CA VAL B 33 -2.43 48.10 -12.88
C VAL B 33 -2.99 47.35 -11.68
N SER B 34 -3.10 46.03 -11.82
CA SER B 34 -3.45 45.17 -10.70
C SER B 34 -2.38 44.12 -10.50
N THR B 35 -1.97 43.88 -9.26
CA THR B 35 -1.02 42.82 -8.98
C THR B 35 -1.71 41.65 -8.32
N LEU B 36 -1.48 40.47 -8.88
CA LEU B 36 -2.03 39.24 -8.34
C LEU B 36 -0.87 38.47 -7.74
N ASP B 37 -0.83 38.41 -6.41
CA ASP B 37 0.24 37.75 -5.67
C ASP B 37 -0.30 36.40 -5.24
N LEU B 38 0.02 35.36 -6.00
CA LEU B 38 -0.62 34.05 -5.78
C LEU B 38 -0.40 33.48 -4.39
N TYR B 39 0.81 33.61 -3.85
CA TYR B 39 1.11 33.17 -2.50
C TYR B 39 0.33 33.99 -1.46
N ALA B 40 0.29 35.30 -1.64
CA ALA B 40 -0.45 36.18 -0.73
C ALA B 40 -1.95 35.92 -0.80
N GLU B 41 -2.44 35.51 -1.96
CA GLU B 41 -3.86 35.21 -2.16
C GLU B 41 -4.26 33.90 -1.52
N HIS B 42 -3.27 33.13 -1.08
CA HIS B 42 -3.51 31.75 -0.67
C HIS B 42 -4.21 30.97 -1.77
N PHE B 43 -3.73 31.16 -2.99
CA PHE B 43 -4.34 30.53 -4.15
C PHE B 43 -4.20 29.02 -4.04
N ASP B 44 -5.29 28.33 -4.32
CA ASP B 44 -5.38 26.88 -4.32
C ASP B 44 -5.28 26.39 -5.76
N PRO B 45 -4.13 25.80 -6.11
CA PRO B 45 -3.82 25.45 -7.50
C PRO B 45 -4.27 24.06 -7.90
N VAL B 46 -4.95 23.35 -7.02
CA VAL B 46 -5.34 21.95 -7.30
C VAL B 46 -6.67 21.89 -8.03
N LEU B 47 -6.61 21.51 -9.30
CA LEU B 47 -7.80 21.39 -10.16
C LEU B 47 -8.64 20.18 -9.77
N GLN B 48 -9.92 20.41 -9.51
CA GLN B 48 -10.84 19.36 -9.09
C GLN B 48 -11.97 19.17 -10.10
N PHE B 49 -12.18 17.94 -10.52
CA PHE B 49 -13.29 17.62 -11.33
C PHE B 49 -13.58 16.14 -11.25
N ASN B 50 -14.80 15.77 -11.61
CA ASN B 50 -15.26 14.41 -11.54
C ASN B 50 -16.71 14.35 -12.02
N GLU B 51 -17.43 13.29 -11.71
CA GLU B 51 -18.78 13.10 -12.18
C GLU B 51 -19.77 14.06 -11.55
N THR B 52 -19.51 14.38 -10.33
CA THR B 52 -20.34 15.35 -9.62
C THR B 52 -20.14 16.78 -10.16
N HIS B 53 -18.91 17.28 -10.14
CA HIS B 53 -18.62 18.58 -10.75
C HIS B 53 -17.78 18.40 -12.02
N LYS B 54 -18.46 18.41 -13.16
CA LYS B 54 -17.86 18.00 -14.42
C LYS B 54 -16.85 19.00 -15.00
N ARG B 55 -15.89 18.45 -15.69
CA ARG B 55 -14.84 19.19 -16.26
C ARG B 55 -15.40 20.24 -17.19
N ARG B 56 -16.55 20.00 -17.82
CA ARG B 56 -17.20 20.89 -18.77
C ARG B 56 -17.62 22.21 -18.13
N ASP B 57 -17.89 22.19 -16.83
CA ASP B 57 -18.39 23.36 -16.11
C ASP B 57 -17.30 24.08 -15.33
N LEU B 58 -16.04 23.79 -15.66
CA LEU B 58 -14.93 24.41 -14.96
C LEU B 58 -14.90 25.95 -15.12
N ALA B 59 -15.41 26.45 -16.25
CA ALA B 59 -15.39 27.89 -16.51
C ALA B 59 -16.41 28.63 -15.63
N LYS B 60 -17.20 27.87 -14.88
CA LYS B 60 -18.26 28.42 -14.05
C LYS B 60 -18.04 28.17 -12.56
N VAL B 61 -16.90 27.58 -12.21
CA VAL B 61 -16.53 27.38 -10.80
C VAL B 61 -16.38 28.72 -10.07
N ALA B 62 -17.19 28.91 -9.02
CA ALA B 62 -17.30 30.18 -8.30
C ALA B 62 -15.99 30.72 -7.72
N GLU B 63 -15.29 29.88 -6.97
CA GLU B 63 -14.02 30.24 -6.35
C GLU B 63 -13.04 30.87 -7.35
N MET B 64 -13.11 30.48 -8.62
CA MET B 64 -12.21 31.00 -9.65
C MET B 64 -12.71 32.25 -10.40
N GLU B 65 -13.90 32.72 -10.08
CA GLU B 65 -14.50 33.84 -10.81
C GLU B 65 -13.65 35.11 -10.75
N LYS B 66 -13.16 35.46 -9.55
CA LYS B 66 -12.30 36.63 -9.37
C LYS B 66 -11.18 36.66 -10.40
N TYR B 67 -10.56 35.50 -10.59
CA TYR B 67 -9.36 35.39 -11.41
C TYR B 67 -9.69 35.46 -12.88
N ARG B 68 -10.76 34.77 -13.28
CA ARG B 68 -11.27 34.89 -14.63
C ARG B 68 -11.51 36.35 -14.97
N ASP B 69 -12.07 37.09 -14.02
CA ASP B 69 -12.40 38.50 -14.24
C ASP B 69 -11.15 39.36 -14.43
N LEU B 70 -10.12 39.09 -13.63
CA LEU B 70 -8.84 39.78 -13.75
C LEU B 70 -8.17 39.52 -15.10
N VAL B 71 -8.29 38.29 -15.59
CA VAL B 71 -7.75 37.95 -16.91
C VAL B 71 -8.55 38.60 -18.04
N THR B 72 -9.87 38.50 -17.99
CA THR B 72 -10.73 39.15 -18.99
C THR B 72 -10.50 40.67 -19.04
N TRP B 73 -10.42 41.27 -17.86
CA TRP B 73 -10.20 42.71 -17.74
C TRP B 73 -8.86 43.17 -18.37
N ALA B 74 -7.81 42.37 -18.18
CA ALA B 74 -6.47 42.78 -18.58
C ALA B 74 -6.28 42.86 -20.10
N ASP B 75 -5.35 43.71 -20.52
CA ASP B 75 -4.93 43.81 -21.91
C ASP B 75 -3.56 43.20 -22.06
N HIS B 76 -2.83 43.19 -20.97
CA HIS B 76 -1.43 42.77 -20.96
C HIS B 76 -1.17 42.07 -19.64
N LEU B 77 -0.69 40.83 -19.70
CA LEU B 77 -0.31 40.09 -18.51
C LEU B 77 1.22 40.02 -18.33
N ILE B 78 1.71 40.32 -17.14
CA ILE B 78 3.14 40.17 -16.84
C ILE B 78 3.33 39.09 -15.79
N PHE B 79 4.00 38.01 -16.18
CA PHE B 79 4.24 36.88 -15.29
C PHE B 79 5.66 36.97 -14.72
N ILE B 80 5.77 36.88 -13.40
CA ILE B 80 7.05 36.88 -12.72
C ILE B 80 7.17 35.62 -11.86
N PHE B 81 8.19 34.80 -12.10
CA PHE B 81 8.38 33.58 -11.31
C PHE B 81 9.77 33.01 -11.50
N PRO B 82 10.27 32.29 -10.49
CA PRO B 82 11.53 31.56 -10.67
C PRO B 82 11.25 30.22 -11.38
N ILE B 83 12.23 29.75 -12.14
CA ILE B 83 12.15 28.41 -12.70
C ILE B 83 12.36 27.39 -11.57
N TRP B 84 11.34 26.56 -11.31
CA TRP B 84 11.48 25.42 -10.41
C TRP B 84 11.30 24.14 -11.20
N TRP B 85 12.33 23.31 -11.19
CA TRP B 85 12.31 22.08 -11.97
C TRP B 85 11.87 22.33 -13.42
N SER B 86 12.55 23.28 -14.05
CA SER B 86 12.43 23.55 -15.48
C SER B 86 11.17 24.33 -15.84
N GLY B 87 10.38 24.70 -14.85
CA GLY B 87 9.12 25.36 -15.15
C GLY B 87 8.49 26.18 -14.05
N MET B 88 7.20 26.44 -14.22
CA MET B 88 6.43 27.24 -13.28
C MET B 88 6.30 26.52 -11.95
N PRO B 89 6.51 27.25 -10.84
CA PRO B 89 6.15 26.74 -9.51
C PRO B 89 4.72 26.21 -9.54
N ALA B 90 4.44 25.21 -8.71
CA ALA B 90 3.15 24.51 -8.71
C ALA B 90 1.94 25.44 -8.56
N ILE B 91 2.05 26.49 -7.75
CA ILE B 91 0.92 27.39 -7.53
C ILE B 91 0.54 28.12 -8.82
N LEU B 92 1.55 28.45 -9.62
CA LEU B 92 1.35 29.13 -10.90
C LEU B 92 0.87 28.15 -11.98
N LYS B 93 1.40 26.93 -11.95
CA LYS B 93 0.90 25.88 -12.84
C LYS B 93 -0.62 25.69 -12.64
N GLY B 94 -1.05 25.68 -11.37
CA GLY B 94 -2.44 25.44 -11.05
C GLY B 94 -3.31 26.65 -11.30
N PHE B 95 -2.70 27.82 -11.31
CA PHE B 95 -3.42 29.01 -11.73
C PHE B 95 -3.85 28.83 -13.19
N ILE B 96 -2.94 28.37 -14.02
CA ILE B 96 -3.26 28.06 -15.41
C ILE B 96 -4.30 26.95 -15.46
N ASP B 97 -3.98 25.81 -14.83
CA ASP B 97 -4.86 24.65 -14.81
C ASP B 97 -6.30 25.06 -14.51
N ARG B 98 -6.47 25.90 -13.49
CA ARG B 98 -7.78 26.21 -12.96
C ARG B 98 -8.47 27.39 -13.63
N VAL B 99 -7.68 28.36 -14.10
CA VAL B 99 -8.25 29.60 -14.64
C VAL B 99 -8.33 29.62 -16.17
N PHE B 100 -7.35 29.03 -16.83
CA PHE B 100 -7.32 28.95 -18.29
C PHE B 100 -8.06 27.70 -18.77
N VAL B 101 -9.38 27.70 -18.59
CA VAL B 101 -10.20 26.53 -18.85
C VAL B 101 -11.03 26.70 -20.11
N ALA B 102 -11.42 25.58 -20.71
CA ALA B 102 -12.25 25.56 -21.91
C ALA B 102 -13.49 26.42 -21.73
N ASP B 103 -13.88 27.10 -22.81
CA ASP B 103 -15.03 28.00 -22.82
C ASP B 103 -14.74 29.33 -22.13
N PHE B 104 -13.52 29.50 -21.65
CA PHE B 104 -13.05 30.81 -21.16
C PHE B 104 -11.80 31.25 -21.91
N ALA B 105 -10.71 30.50 -21.76
CA ALA B 105 -9.45 30.88 -22.36
C ALA B 105 -9.35 30.38 -23.79
N TYR B 106 -10.20 29.41 -24.11
CA TYR B 106 -10.15 28.73 -25.41
C TYR B 106 -11.39 27.85 -25.56
N SER B 107 -11.53 27.24 -26.73
CA SER B 107 -12.54 26.21 -26.94
C SER B 107 -12.03 25.26 -28.01
N TYR B 108 -12.63 24.08 -28.11
CA TYR B 108 -12.12 23.04 -29.00
C TYR B 108 -12.71 23.16 -30.41
N LYS B 109 -11.83 23.11 -31.40
CA LYS B 109 -12.24 23.20 -32.80
C LYS B 109 -12.29 21.79 -33.40
N LYS B 110 -12.79 21.69 -34.63
CA LYS B 110 -12.81 20.41 -35.36
C LYS B 110 -11.49 19.68 -35.14
N VAL B 111 -10.40 20.45 -35.28
CA VAL B 111 -9.08 20.00 -34.89
C VAL B 111 -8.41 21.15 -34.15
N GLY B 112 -7.65 20.82 -33.09
CA GLY B 112 -6.92 21.83 -32.33
C GLY B 112 -7.80 22.73 -31.48
N LEU B 113 -7.20 23.81 -30.99
CA LEU B 113 -7.88 24.76 -30.11
C LEU B 113 -8.15 26.09 -30.79
N GLU B 114 -9.26 26.73 -30.43
CA GLU B 114 -9.52 28.13 -30.77
C GLU B 114 -9.35 29.01 -29.51
N GLY B 115 -8.34 29.88 -29.53
CA GLY B 115 -8.07 30.75 -28.40
C GLY B 115 -9.11 31.84 -28.26
N HIS B 116 -9.47 32.18 -27.02
CA HIS B 116 -10.50 33.18 -26.77
C HIS B 116 -9.96 34.46 -26.15
N LEU B 117 -8.66 34.48 -25.87
CA LEU B 117 -8.06 35.62 -25.20
C LEU B 117 -7.39 36.57 -26.19
N GLN B 118 -7.95 36.66 -27.38
CA GLN B 118 -7.39 37.58 -28.37
C GLN B 118 -7.47 39.03 -27.84
N GLY B 119 -6.56 39.85 -28.30
CA GLY B 119 -6.57 41.23 -27.85
C GLY B 119 -5.65 41.46 -26.67
N LYS B 120 -5.09 40.37 -26.15
CA LYS B 120 -4.16 40.43 -25.03
C LYS B 120 -2.73 40.07 -25.41
N SER B 121 -1.78 40.77 -24.81
CA SER B 121 -0.37 40.46 -24.96
C SER B 121 0.18 40.03 -23.59
N ALA B 122 1.43 39.58 -23.57
CA ALA B 122 2.05 39.18 -22.30
C ALA B 122 3.56 39.37 -22.29
N TRP B 123 4.10 39.41 -21.08
CA TRP B 123 5.53 39.49 -20.85
C TRP B 123 5.84 38.45 -19.77
N ILE B 124 6.80 37.58 -20.04
CA ILE B 124 7.24 36.61 -19.05
C ILE B 124 8.64 37.00 -18.57
N ILE B 125 8.77 37.21 -17.26
CA ILE B 125 10.07 37.41 -16.64
C ILE B 125 10.37 36.25 -15.71
N THR B 126 11.47 35.55 -15.98
CA THR B 126 11.80 34.37 -15.19
C THR B 126 13.28 34.33 -14.79
N THR B 127 13.54 33.81 -13.61
CA THR B 127 14.90 33.68 -13.09
C THR B 127 15.28 32.21 -12.95
N HIS B 128 16.53 31.90 -13.23
CA HIS B 128 17.03 30.54 -13.02
C HIS B 128 18.55 30.55 -12.91
N ASN B 129 19.12 29.42 -12.52
CA ASN B 129 20.55 29.35 -12.28
C ASN B 129 21.32 28.60 -13.38
N THR B 130 20.70 28.47 -14.55
CA THR B 130 21.34 27.78 -15.69
C THR B 130 21.98 28.80 -16.64
N PRO B 131 23.23 28.55 -17.06
CA PRO B 131 23.97 29.41 -17.98
C PRO B 131 23.29 29.52 -19.34
N SER B 132 23.39 30.67 -19.98
CA SER B 132 22.69 30.92 -21.23
C SER B 132 23.15 30.00 -22.37
N PHE B 133 24.42 29.63 -22.37
CA PHE B 133 24.94 28.73 -23.41
C PHE B 133 24.23 27.38 -23.40
N ALA B 134 23.58 27.07 -22.28
CA ALA B 134 22.93 25.78 -22.09
C ALA B 134 21.46 25.79 -22.52
N MET B 135 20.90 26.97 -22.71
CA MET B 135 19.45 27.14 -22.90
C MET B 135 18.83 26.51 -24.16
N PRO B 136 19.59 26.42 -25.26
CA PRO B 136 18.98 25.77 -26.43
C PRO B 136 18.86 24.26 -26.19
N PHE B 137 19.63 23.75 -25.23
CA PHE B 137 19.68 22.31 -24.96
C PHE B 137 18.75 21.86 -23.81
N VAL B 138 17.98 22.79 -23.24
CA VAL B 138 17.05 22.43 -22.16
C VAL B 138 15.60 22.62 -22.55
N GLN B 139 14.73 21.75 -22.01
CA GLN B 139 13.28 21.78 -22.19
C GLN B 139 12.56 22.81 -21.26
N ASP B 140 11.52 23.49 -21.78
CA ASP B 140 10.65 24.42 -21.05
C ASP B 140 11.39 25.69 -20.63
N TYR B 141 11.60 25.86 -19.33
CA TYR B 141 12.21 27.09 -18.82
C TYR B 141 11.46 28.34 -19.29
N GLY B 142 10.13 28.27 -19.28
CA GLY B 142 9.31 29.38 -19.72
C GLY B 142 8.77 29.22 -21.12
N LYS B 143 9.43 28.37 -21.93
CA LYS B 143 8.99 28.14 -23.30
C LYS B 143 7.61 27.46 -23.38
N VAL B 144 7.26 26.66 -22.38
CA VAL B 144 5.93 26.06 -22.33
C VAL B 144 4.86 27.13 -22.15
N LEU B 145 4.99 27.96 -21.11
CA LEU B 145 4.02 29.03 -20.89
C LEU B 145 3.83 29.89 -22.15
N LYS B 146 4.95 30.28 -22.76
CA LYS B 146 4.91 31.15 -23.93
C LYS B 146 4.34 30.47 -25.17
N LYS B 147 4.92 29.33 -25.53
CA LYS B 147 4.65 28.69 -26.80
C LYS B 147 3.47 27.73 -26.79
N GLN B 148 3.20 27.14 -25.63
CA GLN B 148 2.18 26.09 -25.54
C GLN B 148 1.03 26.35 -24.56
N ILE B 149 1.01 27.54 -23.96
CA ILE B 149 -0.12 27.94 -23.11
C ILE B 149 -0.71 29.27 -23.56
N LEU B 150 0.08 30.33 -23.47
CA LEU B 150 -0.41 31.68 -23.80
C LEU B 150 -0.74 31.83 -25.27
N LYS B 151 0.15 31.35 -26.13
CA LYS B 151 -0.04 31.47 -27.59
C LYS B 151 -1.28 30.73 -28.11
N PRO B 152 -1.45 29.44 -27.74
CA PRO B 152 -2.67 28.71 -28.10
C PRO B 152 -3.97 29.39 -27.62
N CYS B 153 -3.87 30.21 -26.59
CA CYS B 153 -5.02 30.98 -26.08
C CYS B 153 -5.22 32.32 -26.81
N ALA B 154 -4.40 32.56 -27.83
CA ALA B 154 -4.52 33.73 -28.70
C ALA B 154 -3.90 35.00 -28.12
N ILE B 155 -3.18 34.83 -27.01
CA ILE B 155 -2.42 35.93 -26.42
C ILE B 155 -1.14 36.15 -27.23
N SER B 156 -1.05 37.31 -27.88
CA SER B 156 0.10 37.65 -28.72
C SER B 156 0.29 39.17 -28.79
N PRO B 157 1.55 39.63 -28.70
CA PRO B 157 2.79 38.85 -28.58
C PRO B 157 3.07 38.41 -27.14
N VAL B 158 4.08 37.55 -26.99
CA VAL B 158 4.57 37.14 -25.68
C VAL B 158 6.08 37.32 -25.68
N LYS B 159 6.56 38.30 -24.92
CA LYS B 159 7.99 38.50 -24.73
C LYS B 159 8.49 37.62 -23.60
N LEU B 160 9.61 36.94 -23.81
CA LEU B 160 10.21 36.13 -22.76
C LEU B 160 11.58 36.67 -22.37
N THR B 161 11.70 37.06 -21.11
CA THR B 161 12.95 37.56 -20.58
C THR B 161 13.44 36.58 -19.52
N GLU B 162 14.56 35.91 -19.81
CA GLU B 162 15.18 35.05 -18.81
C GLU B 162 16.38 35.76 -18.21
N LEU B 163 16.49 35.65 -16.90
CA LEU B 163 17.66 36.14 -16.17
C LEU B 163 18.45 34.93 -15.66
N THR B 164 19.55 34.63 -16.33
CA THR B 164 20.24 33.34 -16.18
C THR B 164 21.43 33.38 -15.20
N SER B 165 21.94 32.22 -14.83
CA SER B 165 22.98 32.09 -13.81
C SER B 165 22.74 33.05 -12.63
N ILE B 166 21.47 33.15 -12.24
CA ILE B 166 21.02 34.22 -11.34
C ILE B 166 21.62 34.17 -9.92
N GLU B 167 22.03 32.98 -9.48
CA GLU B 167 22.58 32.83 -8.14
C GLU B 167 24.11 32.77 -8.16
N LYS B 168 24.67 32.46 -9.32
CA LYS B 168 26.12 32.47 -9.50
C LYS B 168 26.69 33.89 -9.64
N ILE B 169 26.01 34.74 -10.41
CA ILE B 169 26.46 36.10 -10.65
C ILE B 169 26.46 36.93 -9.36
N SER B 170 26.95 38.17 -9.46
CA SER B 170 27.16 39.02 -8.30
C SER B 170 25.98 39.93 -8.01
N ASP B 171 25.97 40.53 -6.82
CA ASP B 171 24.99 41.56 -6.52
C ASP B 171 25.01 42.66 -7.59
N ASP B 172 26.21 43.13 -7.94
CA ASP B 172 26.39 44.07 -9.05
C ASP B 172 25.67 43.62 -10.33
N GLU B 173 25.98 42.41 -10.78
CA GLU B 173 25.37 41.86 -11.98
C GLU B 173 23.84 41.76 -11.85
N ARG B 174 23.37 41.26 -10.70
CA ARG B 174 21.94 41.19 -10.46
C ARG B 174 21.28 42.55 -10.57
N GLN B 175 21.93 43.57 -10.02
CA GLN B 175 21.38 44.92 -10.08
C GLN B 175 21.35 45.49 -11.50
N LYS B 176 22.27 45.05 -12.35
CA LYS B 176 22.22 45.44 -13.76
C LYS B 176 20.97 44.84 -14.43
N LEU B 177 20.65 43.60 -14.07
CA LEU B 177 19.47 42.93 -14.60
C LEU B 177 18.19 43.62 -14.15
N LEU B 178 18.15 44.06 -12.89
CA LEU B 178 17.01 44.80 -12.38
C LEU B 178 16.82 46.10 -13.17
N HIS B 179 17.93 46.75 -13.52
CA HIS B 179 17.90 47.98 -14.29
C HIS B 179 17.39 47.71 -15.71
N LYS B 180 17.80 46.57 -16.27
CA LYS B 180 17.30 46.13 -17.57
C LYS B 180 15.79 45.95 -17.52
N VAL B 181 15.32 45.27 -16.48
CA VAL B 181 13.88 45.04 -16.29
C VAL B 181 13.11 46.36 -16.15
N ALA B 182 13.64 47.28 -15.35
CA ALA B 182 13.02 48.59 -15.16
C ALA B 182 12.87 49.33 -16.49
N GLN B 183 13.91 49.25 -17.32
CA GLN B 183 13.90 49.96 -18.58
C GLN B 183 12.94 49.34 -19.59
N ILE B 184 12.93 48.00 -19.66
CA ILE B 184 11.98 47.31 -20.51
C ILE B 184 10.57 47.73 -20.14
N THR B 185 10.31 47.80 -18.83
CA THR B 185 9.00 48.17 -18.30
C THR B 185 8.55 49.54 -18.81
N ARG B 186 9.46 50.52 -18.76
CA ARG B 186 9.17 51.86 -19.25
C ARG B 186 8.87 51.88 -20.74
N ASN B 187 9.51 50.98 -21.48
CA ASN B 187 9.39 50.95 -22.93
C ASN B 187 8.14 50.26 -23.47
N ILE B 188 7.20 49.93 -22.59
CA ILE B 188 6.01 49.22 -23.01
C ILE B 188 5.06 50.10 -23.83
N MET C 1 2.21 7.24 11.57
CA MET C 1 3.02 6.03 11.70
C MET C 1 2.77 5.05 10.54
N LYS C 2 3.58 4.00 10.48
CA LYS C 2 3.45 3.00 9.43
C LYS C 2 2.49 1.90 9.85
N ILE C 3 1.45 1.72 9.06
CA ILE C 3 0.41 0.78 9.38
C ILE C 3 0.38 -0.38 8.38
N LEU C 4 0.50 -1.59 8.91
CA LEU C 4 0.39 -2.80 8.10
C LEU C 4 -0.91 -3.48 8.44
N ILE C 5 -1.81 -3.54 7.47
CA ILE C 5 -3.06 -4.26 7.64
C ILE C 5 -2.86 -5.67 7.08
N VAL C 6 -2.94 -6.68 7.96
CA VAL C 6 -2.94 -8.07 7.54
C VAL C 6 -4.39 -8.57 7.42
N TYR C 7 -4.86 -8.72 6.18
CA TYR C 7 -6.25 -9.06 5.90
C TYR C 7 -6.40 -10.50 5.42
N THR C 8 -7.29 -11.25 6.06
CA THR C 8 -7.46 -12.66 5.76
C THR C 8 -8.93 -13.01 5.50
N HIS C 9 -9.33 -13.07 4.23
CA HIS C 9 -10.62 -13.62 3.82
C HIS C 9 -10.61 -14.00 2.33
N PRO C 10 -11.17 -15.18 1.98
CA PRO C 10 -11.20 -15.62 0.57
C PRO C 10 -12.18 -14.86 -0.33
N ASN C 11 -13.16 -14.16 0.24
CA ASN C 11 -14.25 -13.53 -0.52
C ASN C 11 -14.21 -12.00 -0.48
N PRO C 12 -13.97 -11.36 -1.63
CA PRO C 12 -13.85 -9.90 -1.76
C PRO C 12 -15.17 -9.15 -1.51
N THR C 13 -16.29 -9.84 -1.50
CA THR C 13 -17.56 -9.21 -1.13
C THR C 13 -18.02 -9.64 0.26
N SER C 14 -17.10 -10.18 1.06
CA SER C 14 -17.46 -10.64 2.40
C SER C 14 -17.68 -9.42 3.30
N PHE C 15 -18.28 -9.64 4.46
CA PHE C 15 -18.39 -8.58 5.45
C PHE C 15 -16.98 -8.16 5.89
N ASN C 16 -16.08 -9.12 6.07
CA ASN C 16 -14.67 -8.85 6.39
C ASN C 16 -14.02 -7.87 5.35
N ALA C 17 -14.34 -8.04 4.08
CA ALA C 17 -13.90 -7.11 3.04
C ALA C 17 -14.39 -5.67 3.30
N GLU C 18 -15.63 -5.55 3.79
CA GLU C 18 -16.18 -4.24 4.12
C GLU C 18 -15.53 -3.64 5.37
N ILE C 19 -15.15 -4.50 6.33
CA ILE C 19 -14.37 -4.08 7.49
C ILE C 19 -13.02 -3.50 7.05
N LEU C 20 -12.40 -4.15 6.05
CA LEU C 20 -11.14 -3.68 5.49
C LEU C 20 -11.32 -2.31 4.83
N LYS C 21 -12.43 -2.16 4.11
CA LYS C 21 -12.76 -0.87 3.50
C LYS C 21 -12.95 0.23 4.55
N GLN C 22 -13.68 -0.06 5.61
CA GLN C 22 -13.87 0.91 6.69
C GLN C 22 -12.55 1.31 7.32
N VAL C 23 -11.68 0.33 7.58
CA VAL C 23 -10.35 0.62 8.13
C VAL C 23 -9.54 1.50 7.16
N GLN C 24 -9.35 1.00 5.94
CA GLN C 24 -8.56 1.71 4.94
C GLN C 24 -9.04 3.14 4.71
N THR C 25 -10.34 3.33 4.52
CA THR C 25 -10.88 4.66 4.19
C THR C 25 -10.83 5.65 5.37
N ASN C 26 -10.77 5.16 6.60
CA ASN C 26 -10.79 6.02 7.79
C ASN C 26 -9.46 6.29 8.49
N LEU C 27 -8.38 5.68 8.03
CA LEU C 27 -7.07 5.92 8.64
C LEU C 27 -6.57 7.30 8.27
N SER C 28 -5.97 7.99 9.23
CA SER C 28 -5.44 9.34 8.96
C SER C 28 -4.48 9.35 7.77
N LYS C 29 -4.61 10.37 6.93
CA LYS C 29 -3.71 10.57 5.79
C LYS C 29 -2.26 10.81 6.22
N GLU C 30 -2.01 11.03 7.51
CA GLU C 30 -0.65 11.20 7.98
C GLU C 30 0.09 9.87 8.07
N HIS C 31 -0.66 8.78 8.15
CA HIS C 31 -0.09 7.45 8.21
C HIS C 31 0.34 6.99 6.83
N THR C 32 1.29 6.05 6.79
CA THR C 32 1.61 5.33 5.57
C THR C 32 1.07 3.93 5.73
N VAL C 33 0.07 3.59 4.93
CA VAL C 33 -0.65 2.35 5.12
C VAL C 33 -0.37 1.34 4.00
N SER C 34 0.03 0.13 4.38
CA SER C 34 0.13 -0.95 3.42
C SER C 34 -0.82 -2.09 3.80
N THR C 35 -1.48 -2.63 2.79
CA THR C 35 -2.39 -3.74 3.00
C THR C 35 -1.79 -5.03 2.48
N LEU C 36 -1.86 -6.07 3.31
CA LEU C 36 -1.40 -7.39 2.96
C LEU C 36 -2.59 -8.34 2.91
N ASP C 37 -3.04 -8.63 1.70
CA ASP C 37 -4.14 -9.55 1.44
C ASP C 37 -3.55 -10.95 1.24
N LEU C 38 -3.62 -11.78 2.27
CA LEU C 38 -2.99 -13.08 2.22
C LEU C 38 -3.54 -13.92 1.10
N TYR C 39 -4.85 -13.89 0.93
CA TYR C 39 -5.47 -14.65 -0.15
C TYR C 39 -5.07 -14.11 -1.53
N ALA C 40 -5.20 -12.79 -1.71
CA ALA C 40 -4.84 -12.13 -2.96
C ALA C 40 -3.37 -12.35 -3.32
N GLU C 41 -2.51 -12.33 -2.30
CA GLU C 41 -1.07 -12.58 -2.47
C GLU C 41 -0.79 -14.03 -2.86
N HIS C 42 -1.76 -14.91 -2.60
CA HIS C 42 -1.58 -16.35 -2.76
C HIS C 42 -0.48 -16.86 -1.83
N PHE C 43 -0.51 -16.40 -0.58
CA PHE C 43 0.48 -16.75 0.42
C PHE C 43 0.48 -18.26 0.71
N ASP C 44 1.68 -18.85 0.71
CA ASP C 44 1.87 -20.26 1.04
C ASP C 44 2.15 -20.43 2.53
N PRO C 45 1.13 -20.83 3.31
CA PRO C 45 1.20 -20.81 4.77
C PRO C 45 1.90 -22.03 5.35
N VAL C 46 2.46 -22.89 4.50
CA VAL C 46 3.04 -24.17 4.95
C VAL C 46 4.54 -24.10 5.22
N LEU C 47 4.89 -24.15 6.50
CA LEU C 47 6.27 -24.08 6.95
C LEU C 47 7.03 -25.38 6.70
N GLN C 48 8.14 -25.28 5.98
CA GLN C 48 9.00 -26.43 5.70
C GLN C 48 10.30 -26.32 6.47
N PHE C 49 10.83 -27.47 6.86
CA PHE C 49 12.20 -27.58 7.34
C PHE C 49 12.54 -29.05 7.60
N ASN C 50 13.80 -29.40 7.34
CA ASN C 50 14.25 -30.77 7.51
C ASN C 50 15.74 -30.75 7.82
N GLU C 51 16.41 -31.88 7.59
CA GLU C 51 17.82 -31.96 7.91
C GLU C 51 18.63 -31.16 6.88
N THR C 52 18.07 -31.03 5.67
CA THR C 52 18.65 -30.24 4.60
C THR C 52 18.53 -28.75 4.91
N HIS C 53 17.29 -28.27 4.89
CA HIS C 53 17.01 -26.87 5.15
C HIS C 53 16.63 -26.68 6.60
N LYS C 54 17.63 -26.42 7.43
CA LYS C 54 17.46 -26.45 8.88
C LYS C 54 16.51 -25.37 9.41
N ARG C 55 15.71 -25.73 10.39
CA ARG C 55 15.06 -24.75 11.22
C ARG C 55 15.88 -23.49 11.54
N ARG C 56 17.13 -23.60 11.97
CA ARG C 56 17.95 -22.48 12.39
C ARG C 56 17.94 -21.35 11.37
N ASP C 57 17.80 -21.73 10.09
CA ASP C 57 17.94 -20.79 8.99
C ASP C 57 16.61 -20.20 8.51
N LEU C 58 15.54 -20.44 9.27
CA LEU C 58 14.20 -20.00 8.85
C LEU C 58 14.11 -18.49 8.64
N ALA C 59 14.78 -17.73 9.51
CA ALA C 59 14.74 -16.26 9.44
C ALA C 59 15.44 -15.72 8.19
N LYS C 60 16.06 -16.61 7.42
CA LYS C 60 16.77 -16.19 6.22
C LYS C 60 16.11 -16.73 4.97
N VAL C 61 14.99 -17.43 5.14
CA VAL C 61 14.23 -17.96 4.01
C VAL C 61 13.92 -16.83 3.03
N ALA C 62 14.40 -16.98 1.80
CA ALA C 62 14.28 -15.95 0.78
C ALA C 62 12.81 -15.56 0.52
N GLU C 63 11.96 -16.57 0.42
CA GLU C 63 10.55 -16.38 0.11
C GLU C 63 9.86 -15.42 1.10
N MET C 64 10.26 -15.49 2.37
CA MET C 64 9.58 -14.73 3.41
C MET C 64 10.14 -13.33 3.67
N GLU C 65 11.19 -12.95 2.94
CA GLU C 65 11.83 -11.64 3.19
C GLU C 65 10.89 -10.45 2.97
N LYS C 66 10.07 -10.52 1.93
CA LYS C 66 9.08 -9.49 1.68
C LYS C 66 8.25 -9.21 2.93
N TYR C 67 7.90 -10.29 3.64
CA TYR C 67 6.95 -10.20 4.75
C TYR C 67 7.62 -9.90 6.08
N ARG C 68 8.81 -10.43 6.30
CA ARG C 68 9.62 -9.97 7.41
C ARG C 68 9.86 -8.46 7.30
N ASP C 69 10.11 -7.99 6.08
CA ASP C 69 10.35 -6.57 5.86
C ASP C 69 9.13 -5.70 6.10
N LEU C 70 7.96 -6.21 5.75
CA LEU C 70 6.72 -5.51 6.02
C LEU C 70 6.49 -5.38 7.53
N VAL C 71 6.71 -6.46 8.26
CA VAL C 71 6.60 -6.44 9.71
C VAL C 71 7.65 -5.54 10.36
N THR C 72 8.89 -5.62 9.91
CA THR C 72 9.93 -4.72 10.40
C THR C 72 9.55 -3.25 10.17
N TRP C 73 9.03 -2.96 8.99
CA TRP C 73 8.64 -1.61 8.60
C TRP C 73 7.49 -1.03 9.45
N ALA C 74 6.52 -1.86 9.81
CA ALA C 74 5.31 -1.40 10.48
C ALA C 74 5.53 -0.93 11.91
N ASP C 75 4.81 0.13 12.29
CA ASP C 75 4.70 0.56 13.69
C ASP C 75 3.46 -0.06 14.32
N HIS C 76 2.50 -0.41 13.47
CA HIS C 76 1.19 -0.87 13.92
C HIS C 76 0.66 -1.95 12.99
N LEU C 77 0.26 -3.08 13.55
CA LEU C 77 -0.33 -4.16 12.76
C LEU C 77 -1.83 -4.26 13.03
N ILE C 78 -2.62 -4.23 11.96
CA ILE C 78 -4.05 -4.43 12.09
C ILE C 78 -4.46 -5.76 11.44
N PHE C 79 -4.91 -6.70 12.26
CA PHE C 79 -5.34 -8.02 11.78
C PHE C 79 -6.85 -8.04 11.60
N ILE C 80 -7.28 -8.46 10.42
CA ILE C 80 -8.70 -8.63 10.14
C ILE C 80 -8.93 -10.07 9.69
N PHE C 81 -9.72 -10.83 10.44
CA PHE C 81 -10.06 -12.20 10.07
C PHE C 81 -11.32 -12.73 10.76
N PRO C 82 -12.04 -13.65 10.07
CA PRO C 82 -13.10 -14.47 10.67
C PRO C 82 -12.52 -15.50 11.61
N ILE C 83 -13.25 -15.79 12.69
CA ILE C 83 -12.93 -16.91 13.55
C ILE C 83 -13.29 -18.21 12.82
N TRP C 84 -12.29 -19.01 12.48
CA TRP C 84 -12.54 -20.34 11.92
C TRP C 84 -12.08 -21.41 12.89
N TRP C 85 -13.04 -22.21 13.36
CA TRP C 85 -12.76 -23.22 14.38
C TRP C 85 -12.00 -22.64 15.57
N SER C 86 -12.54 -21.55 16.12
CA SER C 86 -12.03 -20.91 17.34
C SER C 86 -10.78 -20.07 17.15
N GLY C 87 -10.25 -20.00 15.93
CA GLY C 87 -9.00 -19.30 15.73
C GLY C 87 -8.75 -18.73 14.35
N MET C 88 -7.48 -18.53 14.02
CA MET C 88 -7.09 -17.93 12.76
C MET C 88 -7.26 -18.91 11.62
N PRO C 89 -7.80 -18.43 10.50
CA PRO C 89 -7.81 -19.23 9.27
C PRO C 89 -6.41 -19.80 9.03
N ALA C 90 -6.32 -20.99 8.44
CA ALA C 90 -5.03 -21.64 8.25
C ALA C 90 -4.00 -20.75 7.57
N ILE C 91 -4.43 -19.97 6.58
CA ILE C 91 -3.50 -19.13 5.81
C ILE C 91 -2.82 -18.09 6.71
N LEU C 92 -3.57 -17.58 7.69
CA LEU C 92 -3.04 -16.60 8.64
C LEU C 92 -2.20 -17.25 9.74
N LYS C 93 -2.62 -18.44 10.17
CA LYS C 93 -1.82 -19.22 11.10
C LYS C 93 -0.45 -19.52 10.53
N GLY C 94 -0.41 -19.80 9.23
CA GLY C 94 0.82 -20.10 8.53
C GLY C 94 1.68 -18.87 8.31
N PHE C 95 1.04 -17.72 8.17
CA PHE C 95 1.75 -16.43 8.13
C PHE C 95 2.56 -16.24 9.41
N ILE C 96 1.95 -16.51 10.56
CA ILE C 96 2.69 -16.48 11.82
C ILE C 96 3.81 -17.54 11.84
N ASP C 97 3.46 -18.79 11.59
CA ASP C 97 4.42 -19.88 11.54
C ASP C 97 5.68 -19.53 10.74
N ARG C 98 5.45 -18.95 9.56
CA ARG C 98 6.50 -18.74 8.56
C ARG C 98 7.23 -17.41 8.68
N VAL C 99 6.52 -16.38 9.12
CA VAL C 99 7.12 -15.06 9.19
C VAL C 99 7.64 -14.74 10.60
N PHE C 100 6.85 -15.09 11.61
CA PHE C 100 7.26 -14.84 13.00
C PHE C 100 8.17 -15.95 13.54
N VAL C 101 9.39 -16.00 13.01
CA VAL C 101 10.31 -17.08 13.34
C VAL C 101 11.44 -16.62 14.27
N ALA C 102 12.13 -17.61 14.84
CA ALA C 102 13.20 -17.33 15.80
C ALA C 102 14.26 -16.45 15.16
N ASP C 103 14.74 -15.49 15.92
CA ASP C 103 15.76 -14.55 15.47
C ASP C 103 15.24 -13.50 14.49
N PHE C 104 13.93 -13.48 14.30
CA PHE C 104 13.29 -12.34 13.66
C PHE C 104 12.27 -11.70 14.59
N ALA C 105 11.28 -12.49 14.99
CA ALA C 105 10.19 -11.98 15.84
C ALA C 105 10.53 -12.16 17.31
N TYR C 106 11.38 -13.15 17.58
CA TYR C 106 11.76 -13.49 18.94
C TYR C 106 13.05 -14.31 18.91
N SER C 107 13.58 -14.58 20.09
CA SER C 107 14.61 -15.60 20.25
C SER C 107 14.50 -16.16 21.65
N TYR C 108 15.26 -17.22 21.89
CA TYR C 108 15.23 -17.87 23.18
C TYR C 108 16.20 -17.20 24.09
N LYS C 109 15.78 -16.97 25.31
CA LYS C 109 16.62 -16.35 26.32
C LYS C 109 17.29 -17.40 27.15
N LYS C 110 17.71 -17.05 28.33
CA LYS C 110 18.32 -18.10 29.15
C LYS C 110 17.36 -19.31 29.23
N VAL C 111 16.26 -19.12 29.94
CA VAL C 111 15.21 -20.14 30.01
C VAL C 111 13.89 -19.55 29.56
N GLY C 112 13.93 -18.35 29.00
CA GLY C 112 12.73 -17.65 28.58
C GLY C 112 12.65 -17.36 27.10
N LEU C 113 11.79 -16.41 26.75
CA LEU C 113 11.55 -16.02 25.37
C LEU C 113 11.77 -14.52 25.27
N GLU C 114 12.56 -14.07 24.29
CA GLU C 114 12.82 -12.65 24.08
C GLU C 114 12.25 -12.13 22.76
N GLY C 115 11.20 -11.33 22.83
CA GLY C 115 10.56 -10.81 21.63
C GLY C 115 11.35 -9.69 20.99
N HIS C 116 11.43 -9.67 19.67
CA HIS C 116 12.21 -8.65 18.95
C HIS C 116 11.34 -7.64 18.19
N LEU C 117 10.05 -7.59 18.50
CA LEU C 117 9.17 -6.69 17.77
C LEU C 117 8.66 -5.55 18.65
N GLN C 118 9.51 -5.13 19.58
CA GLN C 118 9.25 -4.00 20.47
C GLN C 118 9.00 -2.72 19.67
N GLY C 119 8.18 -1.83 20.22
CA GLY C 119 7.87 -0.57 19.56
C GLY C 119 6.64 -0.67 18.69
N LYS C 120 6.16 -1.90 18.50
CA LYS C 120 4.98 -2.12 17.70
C LYS C 120 3.78 -2.42 18.58
N SER C 121 2.61 -1.97 18.13
CA SER C 121 1.34 -2.31 18.75
C SER C 121 0.46 -2.99 17.71
N ALA C 122 -0.73 -3.40 18.11
CA ALA C 122 -1.60 -4.09 17.18
C ALA C 122 -3.07 -3.99 17.52
N TRP C 123 -3.90 -4.18 16.50
CA TRP C 123 -5.35 -4.19 16.64
C TRP C 123 -5.87 -5.40 15.91
N ILE C 124 -6.61 -6.24 16.62
CA ILE C 124 -7.24 -7.42 16.06
C ILE C 124 -8.75 -7.19 15.94
N ILE C 125 -9.26 -7.27 14.72
CA ILE C 125 -10.69 -7.17 14.46
C ILE C 125 -11.19 -8.51 13.94
N THR C 126 -11.93 -9.23 14.76
CA THR C 126 -12.40 -10.55 14.35
C THR C 126 -13.92 -10.64 14.33
N THR C 127 -14.45 -11.52 13.50
CA THR C 127 -15.89 -11.72 13.36
C THR C 127 -16.26 -13.17 13.62
N HIS C 128 -17.37 -13.41 14.31
CA HIS C 128 -17.86 -14.78 14.51
C HIS C 128 -19.34 -14.78 14.86
N ASN C 129 -19.95 -15.96 14.91
CA ASN C 129 -21.37 -16.04 15.20
C ASN C 129 -21.71 -16.56 16.60
N THR C 130 -20.73 -16.52 17.49
CA THR C 130 -20.93 -16.95 18.87
C THR C 130 -21.49 -15.79 19.69
N PRO C 131 -22.60 -16.05 20.42
CA PRO C 131 -23.24 -15.02 21.25
C PRO C 131 -22.32 -14.47 22.35
N SER C 132 -22.46 -13.18 22.61
CA SER C 132 -21.66 -12.51 23.60
C SER C 132 -21.72 -13.19 24.98
N PHE C 133 -22.89 -13.70 25.35
CA PHE C 133 -23.04 -14.33 26.67
C PHE C 133 -22.22 -15.62 26.81
N ALA C 134 -21.99 -16.30 25.69
CA ALA C 134 -21.28 -17.58 25.70
C ALA C 134 -19.76 -17.43 25.54
N MET C 135 -19.30 -16.20 25.37
CA MET C 135 -17.88 -15.94 25.13
C MET C 135 -16.94 -16.26 26.30
N PRO C 136 -17.39 -16.06 27.55
CA PRO C 136 -16.52 -16.39 28.69
C PRO C 136 -16.10 -17.87 28.68
N PHE C 137 -16.77 -18.67 27.87
CA PHE C 137 -16.65 -20.12 27.95
C PHE C 137 -16.03 -20.78 26.72
N VAL C 138 -15.27 -20.01 25.93
CA VAL C 138 -14.57 -20.53 24.77
C VAL C 138 -13.10 -20.13 24.80
N GLN C 139 -12.24 -21.00 24.29
CA GLN C 139 -10.80 -20.73 24.24
C GLN C 139 -10.39 -20.10 22.92
N ASP C 140 -9.44 -19.18 22.99
CA ASP C 140 -8.91 -18.48 21.82
C ASP C 140 -9.89 -17.42 21.29
N TYR C 141 -10.49 -17.68 20.14
CA TYR C 141 -11.32 -16.70 19.46
C TYR C 141 -10.58 -15.37 19.32
N GLY C 142 -9.27 -15.46 19.08
CA GLY C 142 -8.44 -14.27 18.91
C GLY C 142 -7.56 -13.97 20.12
N LYS C 143 -7.76 -14.69 21.21
CA LYS C 143 -7.00 -14.45 22.42
C LYS C 143 -5.64 -15.12 22.40
N VAL C 144 -5.50 -16.19 21.61
CA VAL C 144 -4.19 -16.81 21.44
C VAL C 144 -3.28 -15.87 20.66
N LEU C 145 -3.78 -15.32 19.55
CA LEU C 145 -3.03 -14.33 18.79
C LEU C 145 -2.60 -13.13 19.63
N LYS C 146 -3.49 -12.64 20.49
CA LYS C 146 -3.17 -11.50 21.35
C LYS C 146 -2.13 -11.85 22.43
N LYS C 147 -2.47 -12.77 23.32
CA LYS C 147 -1.66 -13.03 24.51
C LYS C 147 -0.50 -14.01 24.29
N GLN C 148 -0.64 -14.92 23.34
CA GLN C 148 0.36 -15.98 23.20
C GLN C 148 1.15 -15.97 21.91
N ILE C 149 0.99 -14.92 21.11
CA ILE C 149 1.77 -14.76 19.90
C ILE C 149 2.31 -13.33 19.77
N LEU C 150 1.41 -12.36 19.67
CA LEU C 150 1.83 -10.97 19.55
C LEU C 150 2.66 -10.51 20.75
N LYS C 151 2.07 -10.56 21.94
CA LYS C 151 2.71 -10.05 23.15
C LYS C 151 4.08 -10.68 23.44
N PRO C 152 4.20 -12.02 23.31
CA PRO C 152 5.51 -12.63 23.53
C PRO C 152 6.59 -12.11 22.58
N CYS C 153 6.21 -11.66 21.38
CA CYS C 153 7.17 -11.07 20.45
C CYS C 153 7.39 -9.57 20.75
N ALA C 154 6.82 -9.13 21.88
CA ALA C 154 7.02 -7.77 22.40
C ALA C 154 6.17 -6.73 21.69
N ILE C 155 5.06 -7.16 21.10
CA ILE C 155 4.11 -6.25 20.47
C ILE C 155 3.00 -5.88 21.46
N SER C 156 2.94 -4.61 21.83
CA SER C 156 2.02 -4.14 22.85
C SER C 156 1.89 -2.63 22.66
N PRO C 157 0.68 -2.08 22.92
CA PRO C 157 -0.52 -2.80 23.35
C PRO C 157 -1.15 -3.56 22.19
N VAL C 158 -2.05 -4.49 22.52
CA VAL C 158 -2.82 -5.16 21.49
C VAL C 158 -4.29 -5.01 21.83
N LYS C 159 -5.04 -4.33 20.97
CA LYS C 159 -6.49 -4.23 21.11
C LYS C 159 -7.15 -5.40 20.39
N LEU C 160 -8.16 -5.98 21.03
CA LEU C 160 -8.97 -7.03 20.40
C LEU C 160 -10.44 -6.59 20.31
N THR C 161 -10.93 -6.47 19.08
CA THR C 161 -12.33 -6.10 18.83
C THR C 161 -13.10 -7.26 18.21
N GLU C 162 -14.07 -7.78 18.94
CA GLU C 162 -14.91 -8.86 18.46
C GLU C 162 -16.24 -8.35 17.96
N LEU C 163 -16.63 -8.78 16.76
CA LEU C 163 -17.97 -8.54 16.26
C LEU C 163 -18.70 -9.86 16.33
N THR C 164 -19.55 -10.00 17.34
CA THR C 164 -20.12 -11.29 17.70
C THR C 164 -21.51 -11.47 17.09
N SER C 165 -22.07 -12.66 17.21
CA SER C 165 -23.35 -13.00 16.59
C SER C 165 -23.45 -12.40 15.19
N ILE C 166 -22.33 -12.32 14.49
CA ILE C 166 -22.25 -11.50 13.27
C ILE C 166 -23.27 -11.87 12.21
N GLU C 167 -23.60 -13.16 12.12
CA GLU C 167 -24.49 -13.64 11.08
C GLU C 167 -25.95 -13.61 11.54
N LYS C 168 -26.16 -13.74 12.84
CA LYS C 168 -27.51 -13.76 13.43
C LYS C 168 -28.19 -12.38 13.43
N ILE C 169 -27.45 -11.34 13.78
CA ILE C 169 -28.00 -10.00 13.87
C ILE C 169 -28.51 -9.47 12.52
N SER C 170 -29.10 -8.28 12.53
CA SER C 170 -29.71 -7.72 11.33
C SER C 170 -28.72 -6.93 10.47
N ASP C 171 -29.11 -6.63 9.24
CA ASP C 171 -28.27 -5.85 8.36
C ASP C 171 -27.95 -4.52 8.99
N ASP C 172 -28.94 -3.99 9.73
CA ASP C 172 -28.79 -2.71 10.41
C ASP C 172 -27.80 -2.79 11.57
N GLU C 173 -27.92 -3.83 12.38
CA GLU C 173 -27.01 -4.02 13.50
C GLU C 173 -25.59 -4.25 12.99
N ARG C 174 -25.46 -4.71 11.76
CA ARG C 174 -24.13 -4.87 11.15
C ARG C 174 -23.55 -3.52 10.71
N GLN C 175 -24.40 -2.65 10.19
CA GLN C 175 -24.00 -1.28 9.88
C GLN C 175 -23.43 -0.57 11.09
N LYS C 176 -24.11 -0.72 12.23
CA LYS C 176 -23.68 -0.09 13.47
C LYS C 176 -22.30 -0.60 13.95
N LEU C 177 -22.01 -1.87 13.67
CA LEU C 177 -20.67 -2.42 13.93
C LEU C 177 -19.64 -1.83 12.96
N LEU C 178 -20.07 -1.54 11.73
CA LEU C 178 -19.18 -0.96 10.74
C LEU C 178 -18.89 0.49 11.10
N HIS C 179 -19.89 1.17 11.66
CA HIS C 179 -19.69 2.52 12.14
C HIS C 179 -18.72 2.54 13.34
N LYS C 180 -18.81 1.51 14.17
CA LYS C 180 -17.94 1.37 15.34
C LYS C 180 -16.48 1.14 14.96
N VAL C 181 -16.27 0.32 13.95
CA VAL C 181 -14.94 0.08 13.40
C VAL C 181 -14.37 1.37 12.80
N ALA C 182 -15.19 2.11 12.06
CA ALA C 182 -14.74 3.36 11.44
C ALA C 182 -14.30 4.36 12.52
N GLN C 183 -15.06 4.41 13.61
CA GLN C 183 -14.77 5.36 14.68
C GLN C 183 -13.45 5.03 15.39
N ILE C 184 -13.23 3.75 15.68
CA ILE C 184 -11.99 3.29 16.31
C ILE C 184 -10.80 3.55 15.38
N THR C 185 -11.01 3.30 14.09
CA THR C 185 -9.97 3.58 13.10
C THR C 185 -9.59 5.06 13.09
N ARG C 186 -10.57 5.94 13.21
CA ARG C 186 -10.33 7.37 13.13
C ARG C 186 -9.48 7.83 14.30
N ASN C 187 -9.32 6.93 15.26
CA ASN C 187 -8.64 7.26 16.51
C ASN C 187 -7.27 6.65 16.66
N ILE C 188 -6.85 5.90 15.65
CA ILE C 188 -5.49 5.43 15.55
C ILE C 188 -4.66 6.61 15.10
N LEU C 189 -4.06 7.29 16.08
CA LEU C 189 -3.32 8.52 15.82
C LEU C 189 -2.05 8.58 16.65
N GLU C 190 -0.98 9.10 16.05
CA GLU C 190 0.19 9.44 16.83
C GLU C 190 -0.29 10.35 17.96
N HIS C 191 0.35 10.26 19.12
CA HIS C 191 -0.09 11.06 20.26
C HIS C 191 0.04 12.54 19.94
N HIS C 192 -0.97 13.31 20.31
CA HIS C 192 -1.01 14.75 20.07
C HIS C 192 -1.21 15.11 18.61
N HIS C 193 -1.64 14.12 17.82
CA HIS C 193 -2.02 14.35 16.44
C HIS C 193 -3.51 14.21 16.31
N HIS C 194 -4.10 14.97 15.39
CA HIS C 194 -5.50 14.77 15.04
C HIS C 194 -5.61 14.04 13.70
N HIS C 195 -6.83 13.62 13.37
CA HIS C 195 -7.10 12.87 12.16
C HIS C 195 -7.03 13.77 10.92
N HIS C 196 -6.25 13.34 9.92
CA HIS C 196 -6.18 14.03 8.64
C HIS C 196 -6.94 13.24 7.57
N MET D 1 -10.20 -52.40 14.96
CA MET D 1 -10.99 -51.25 14.57
C MET D 1 -10.29 -50.47 13.45
N LYS D 2 -10.98 -49.53 12.84
CA LYS D 2 -10.42 -48.72 11.76
C LYS D 2 -9.77 -47.46 12.31
N ILE D 3 -8.48 -47.29 12.07
CA ILE D 3 -7.73 -46.17 12.62
C ILE D 3 -7.09 -45.30 11.54
N LEU D 4 -7.35 -44.00 11.62
CA LEU D 4 -6.73 -43.00 10.75
C LEU D 4 -5.73 -42.16 11.55
N ILE D 5 -4.46 -42.28 11.18
CA ILE D 5 -3.45 -41.42 11.76
C ILE D 5 -3.29 -40.18 10.90
N VAL D 6 -3.60 -39.03 11.49
CA VAL D 6 -3.31 -37.76 10.83
C VAL D 6 -1.99 -37.23 11.41
N TYR D 7 -0.91 -37.35 10.62
CA TYR D 7 0.44 -36.96 11.04
C TYR D 7 0.94 -35.66 10.37
N THR D 8 1.46 -34.73 11.17
CA THR D 8 1.84 -33.40 10.68
C THR D 8 3.25 -32.96 11.11
N HIS D 9 4.23 -33.21 10.25
CA HIS D 9 5.56 -32.64 10.45
C HIS D 9 6.30 -32.56 9.11
N PRO D 10 6.99 -31.44 8.88
CA PRO D 10 7.76 -31.18 7.66
C PRO D 10 9.01 -32.06 7.54
N ASN D 11 9.53 -32.55 8.66
CA ASN D 11 10.78 -33.30 8.67
C ASN D 11 10.58 -34.79 8.96
N PRO D 12 10.92 -35.64 7.98
CA PRO D 12 10.83 -37.10 8.03
C PRO D 12 11.66 -37.73 9.13
N THR D 13 12.70 -37.04 9.61
CA THR D 13 13.52 -37.57 10.69
C THR D 13 13.34 -36.76 11.96
N SER D 14 12.14 -36.21 12.15
CA SER D 14 11.85 -35.40 13.32
C SER D 14 11.56 -36.28 14.52
N PHE D 15 11.36 -35.66 15.68
CA PHE D 15 10.90 -36.39 16.86
C PHE D 15 9.45 -36.85 16.66
N ASN D 16 8.66 -36.02 15.99
CA ASN D 16 7.30 -36.38 15.68
C ASN D 16 7.23 -37.59 14.72
N ALA D 17 8.17 -37.69 13.82
CA ALA D 17 8.26 -38.84 12.91
C ALA D 17 8.55 -40.12 13.69
N GLU D 18 9.42 -40.03 14.69
CA GLU D 18 9.70 -41.17 15.57
C GLU D 18 8.44 -41.61 16.33
N ILE D 19 7.64 -40.63 16.75
CA ILE D 19 6.38 -40.93 17.40
C ILE D 19 5.42 -41.61 16.44
N LEU D 20 5.40 -41.15 15.20
CA LEU D 20 4.62 -41.82 14.14
C LEU D 20 5.04 -43.27 14.01
N LYS D 21 6.35 -43.51 14.02
CA LYS D 21 6.89 -44.87 13.88
C LYS D 21 6.52 -45.71 15.08
N GLN D 22 6.53 -45.17 16.26
CA GLN D 22 6.08 -45.93 17.39
C GLN D 22 4.63 -46.28 17.38
N VAL D 23 3.76 -45.36 16.96
CA VAL D 23 2.34 -45.65 16.89
C VAL D 23 2.08 -46.75 15.86
N GLN D 24 2.62 -46.57 14.66
CA GLN D 24 2.48 -47.55 13.59
C GLN D 24 2.97 -48.96 13.98
N THR D 25 4.16 -49.02 14.54
CA THR D 25 4.75 -50.32 14.86
C THR D 25 4.06 -50.99 16.03
N ASN D 26 3.37 -50.23 16.86
CA ASN D 26 2.73 -50.75 18.08
C ASN D 26 1.23 -50.99 18.03
N LEU D 27 0.64 -50.53 16.97
CA LEU D 27 -0.78 -50.77 16.76
C LEU D 27 -1.05 -52.24 16.40
N SER D 28 -1.97 -52.87 17.13
CA SER D 28 -2.32 -54.27 16.87
C SER D 28 -2.57 -54.55 15.39
N LYS D 29 -2.00 -55.65 14.89
CA LYS D 29 -2.12 -55.98 13.48
C LYS D 29 -3.57 -56.31 13.12
N GLU D 30 -4.42 -56.36 14.14
CA GLU D 30 -5.86 -56.58 13.96
C GLU D 30 -6.61 -55.32 13.50
N HIS D 31 -6.05 -54.13 13.74
CA HIS D 31 -6.67 -52.89 13.28
C HIS D 31 -6.30 -52.63 11.84
N THR D 32 -7.20 -51.98 11.10
CA THR D 32 -6.88 -51.50 9.76
C THR D 32 -6.42 -50.05 9.86
N VAL D 33 -5.18 -49.79 9.46
CA VAL D 33 -4.61 -48.46 9.66
C VAL D 33 -4.31 -47.72 8.38
N SER D 34 -4.66 -46.43 8.36
CA SER D 34 -4.34 -45.54 7.26
C SER D 34 -3.55 -44.38 7.86
N THR D 35 -2.43 -44.03 7.22
CA THR D 35 -1.65 -42.88 7.67
C THR D 35 -1.79 -41.73 6.68
N LEU D 36 -2.23 -40.58 7.18
CA LEU D 36 -2.33 -39.38 6.38
C LEU D 36 -1.20 -38.43 6.80
N ASP D 37 -0.14 -38.42 6.00
CA ASP D 37 0.99 -37.55 6.21
C ASP D 37 0.71 -36.29 5.41
N LEU D 38 0.23 -35.25 6.08
CA LEU D 38 -0.21 -34.05 5.39
C LEU D 38 0.88 -33.41 4.54
N TYR D 39 2.10 -33.36 5.08
CA TYR D 39 3.22 -32.81 4.33
C TYR D 39 3.52 -33.65 3.09
N ALA D 40 3.56 -34.97 3.26
CA ALA D 40 3.81 -35.87 2.14
C ALA D 40 2.74 -35.75 1.06
N GLU D 41 1.50 -35.47 1.46
CA GLU D 41 0.39 -35.36 0.52
C GLU D 41 0.45 -34.04 -0.25
N HIS D 42 1.32 -33.15 0.22
CA HIS D 42 1.32 -31.77 -0.22
C HIS D 42 -0.08 -31.19 -0.06
N PHE D 43 -0.68 -31.42 1.10
CA PHE D 43 -2.05 -30.99 1.36
C PHE D 43 -2.17 -29.47 1.28
N ASP D 44 -3.14 -28.99 0.51
CA ASP D 44 -3.40 -27.56 0.40
C ASP D 44 -4.37 -27.11 1.50
N PRO D 45 -3.83 -26.45 2.54
CA PRO D 45 -4.66 -26.09 3.70
C PRO D 45 -5.56 -24.86 3.50
N VAL D 46 -5.52 -24.22 2.33
CA VAL D 46 -6.22 -22.95 2.16
C VAL D 46 -7.67 -23.06 1.68
N LEU D 47 -8.60 -22.77 2.59
CA LEU D 47 -10.02 -22.85 2.29
C LEU D 47 -10.48 -21.65 1.47
N GLN D 48 -11.12 -21.94 0.34
CA GLN D 48 -11.60 -20.91 -0.59
C GLN D 48 -13.11 -20.97 -0.71
N PHE D 49 -13.75 -19.80 -0.59
CA PHE D 49 -15.16 -19.68 -0.94
C PHE D 49 -15.55 -18.24 -1.30
N ASN D 50 -16.64 -18.11 -2.06
CA ASN D 50 -17.16 -16.81 -2.44
C ASN D 50 -18.61 -16.88 -2.89
N GLU D 51 -19.05 -15.87 -3.64
CA GLU D 51 -20.44 -15.79 -4.11
C GLU D 51 -20.78 -16.93 -5.06
N THR D 52 -19.76 -17.40 -5.80
CA THR D 52 -19.90 -18.53 -6.70
C THR D 52 -19.82 -19.86 -5.93
N HIS D 53 -18.60 -20.20 -5.52
CA HIS D 53 -18.35 -21.38 -4.68
C HIS D 53 -18.80 -21.08 -3.26
N LYS D 54 -20.09 -21.24 -3.01
CA LYS D 54 -20.70 -20.86 -1.75
C LYS D 54 -20.24 -21.79 -0.62
N ARG D 55 -20.15 -21.26 0.58
CA ARG D 55 -20.00 -22.11 1.77
C ARG D 55 -20.88 -23.33 1.81
N ARG D 56 -22.17 -23.19 1.45
CA ARG D 56 -23.14 -24.27 1.40
C ARG D 56 -22.59 -25.53 0.70
N ASP D 57 -21.75 -25.32 -0.31
CA ASP D 57 -21.28 -26.43 -1.16
C ASP D 57 -19.94 -27.04 -0.77
N LEU D 58 -19.44 -26.74 0.42
CA LEU D 58 -18.11 -27.16 0.82
C LEU D 58 -18.00 -28.68 1.07
N ALA D 59 -19.11 -29.29 1.49
CA ALA D 59 -19.14 -30.73 1.73
C ALA D 59 -19.14 -31.54 0.43
N LYS D 60 -19.24 -30.84 -0.70
CA LYS D 60 -19.23 -31.49 -2.01
C LYS D 60 -18.02 -31.06 -2.84
N VAL D 61 -17.01 -30.49 -2.18
CA VAL D 61 -15.76 -30.09 -2.85
C VAL D 61 -14.94 -31.31 -3.28
N ALA D 62 -14.65 -31.39 -4.58
CA ALA D 62 -14.03 -32.59 -5.16
C ALA D 62 -12.63 -32.91 -4.61
N GLU D 63 -11.76 -31.91 -4.54
CA GLU D 63 -10.39 -32.10 -4.05
C GLU D 63 -10.31 -32.73 -2.65
N MET D 64 -11.37 -32.57 -1.86
CA MET D 64 -11.36 -33.03 -0.47
C MET D 64 -12.06 -34.39 -0.27
N GLU D 65 -12.60 -34.95 -1.34
CA GLU D 65 -13.39 -36.18 -1.22
C GLU D 65 -12.59 -37.32 -0.60
N LYS D 66 -11.32 -37.42 -0.97
CA LYS D 66 -10.42 -38.43 -0.43
C LYS D 66 -10.33 -38.33 1.09
N TYR D 67 -10.31 -37.11 1.60
CA TYR D 67 -10.12 -36.85 3.02
C TYR D 67 -11.43 -36.96 3.80
N ARG D 68 -12.53 -36.55 3.19
CA ARG D 68 -13.83 -36.81 3.80
C ARG D 68 -14.04 -38.32 3.96
N ASP D 69 -13.60 -39.09 2.97
CA ASP D 69 -13.81 -40.53 2.97
C ASP D 69 -12.99 -41.23 4.05
N LEU D 70 -11.75 -40.77 4.24
CA LEU D 70 -10.90 -41.30 5.29
C LEU D 70 -11.51 -41.09 6.67
N VAL D 71 -11.97 -39.87 6.93
CA VAL D 71 -12.60 -39.55 8.21
C VAL D 71 -13.91 -40.31 8.41
N THR D 72 -14.72 -40.43 7.36
CA THR D 72 -15.94 -41.25 7.47
C THR D 72 -15.63 -42.72 7.77
N TRP D 73 -14.60 -43.25 7.10
CA TRP D 73 -14.15 -44.63 7.27
C TRP D 73 -13.64 -44.90 8.70
N ALA D 74 -12.87 -43.96 9.25
CA ALA D 74 -12.19 -44.17 10.53
C ALA D 74 -13.14 -44.37 11.72
N ASP D 75 -12.74 -45.25 12.63
CA ASP D 75 -13.42 -45.41 13.91
C ASP D 75 -12.70 -44.53 14.94
N HIS D 76 -11.41 -44.33 14.71
CA HIS D 76 -10.53 -43.73 15.69
C HIS D 76 -9.52 -42.90 14.93
N LEU D 77 -9.43 -41.61 15.29
CA LEU D 77 -8.49 -40.68 14.67
C LEU D 77 -7.32 -40.40 15.63
N ILE D 78 -6.09 -40.64 15.18
CA ILE D 78 -4.91 -40.28 15.96
C ILE D 78 -4.18 -39.08 15.35
N PHE D 79 -4.18 -37.96 16.06
CA PHE D 79 -3.47 -36.76 15.62
C PHE D 79 -2.07 -36.66 16.24
N ILE D 80 -1.05 -36.55 15.40
CA ILE D 80 0.33 -36.36 15.85
C ILE D 80 0.86 -35.04 15.26
N PHE D 81 1.19 -34.08 16.11
CA PHE D 81 1.67 -32.79 15.63
C PHE D 81 2.39 -31.97 16.70
N PRO D 82 3.40 -31.20 16.28
CA PRO D 82 4.03 -30.30 17.27
C PRO D 82 3.14 -29.11 17.53
N ILE D 83 3.25 -28.53 18.71
CA ILE D 83 2.61 -27.26 18.97
C ILE D 83 3.42 -26.15 18.29
N TRP D 84 2.77 -25.45 17.36
CA TRP D 84 3.36 -24.24 16.80
C TRP D 84 2.47 -23.07 17.17
N TRP D 85 3.03 -22.11 17.88
CA TRP D 85 2.25 -20.94 18.31
C TRP D 85 0.93 -21.34 18.98
N SER D 86 1.06 -22.19 19.99
CA SER D 86 -0.04 -22.57 20.88
C SER D 86 -1.06 -23.53 20.26
N GLY D 87 -0.84 -23.93 19.01
CA GLY D 87 -1.82 -24.76 18.35
C GLY D 87 -1.29 -25.57 17.18
N MET D 88 -2.22 -25.99 16.34
CA MET D 88 -1.92 -26.82 15.19
C MET D 88 -1.07 -26.07 14.16
N PRO D 89 -0.05 -26.75 13.60
CA PRO D 89 0.61 -26.23 12.40
C PRO D 89 -0.44 -25.80 11.37
N ALA D 90 -0.12 -24.80 10.55
CA ALA D 90 -1.10 -24.22 9.65
C ALA D 90 -1.74 -25.29 8.76
N ILE D 91 -0.93 -26.21 8.25
CA ILE D 91 -1.39 -27.22 7.29
C ILE D 91 -2.45 -28.16 7.91
N LEU D 92 -2.31 -28.43 9.20
CA LEU D 92 -3.30 -29.21 9.95
C LEU D 92 -4.59 -28.42 10.20
N LYS D 93 -4.46 -27.16 10.57
CA LYS D 93 -5.62 -26.28 10.78
C LYS D 93 -6.49 -26.25 9.51
N GLY D 94 -5.85 -26.14 8.35
CA GLY D 94 -6.57 -26.06 7.09
C GLY D 94 -7.15 -27.39 6.66
N PHE D 95 -6.62 -28.47 7.24
CA PHE D 95 -7.21 -29.79 7.08
C PHE D 95 -8.57 -29.77 7.77
N ILE D 96 -8.61 -29.19 8.97
CA ILE D 96 -9.86 -29.02 9.70
C ILE D 96 -10.79 -28.05 8.97
N ASP D 97 -10.26 -26.89 8.61
CA ASP D 97 -11.05 -25.87 7.91
C ASP D 97 -11.74 -26.44 6.68
N ARG D 98 -10.98 -27.21 5.88
CA ARG D 98 -11.45 -27.66 4.58
C ARG D 98 -12.25 -28.95 4.62
N VAL D 99 -11.86 -29.87 5.51
CA VAL D 99 -12.51 -31.18 5.55
C VAL D 99 -13.66 -31.28 6.56
N PHE D 100 -13.50 -30.64 7.71
CA PHE D 100 -14.54 -30.65 8.73
C PHE D 100 -15.56 -29.54 8.49
N VAL D 101 -16.39 -29.73 7.47
CA VAL D 101 -17.33 -28.69 7.03
C VAL D 101 -18.78 -29.01 7.36
N ALA D 102 -19.64 -28.01 7.20
CA ALA D 102 -21.08 -28.19 7.37
C ALA D 102 -21.65 -29.17 6.35
N ASP D 103 -22.71 -29.87 6.75
CA ASP D 103 -23.35 -30.90 5.94
C ASP D 103 -22.41 -32.08 5.76
N PHE D 104 -21.32 -32.09 6.52
CA PHE D 104 -20.45 -33.26 6.61
C PHE D 104 -20.09 -33.59 8.06
N ALA D 105 -19.22 -32.79 8.67
CA ALA D 105 -18.77 -33.03 10.04
C ALA D 105 -19.84 -32.64 11.06
N TYR D 106 -20.68 -31.68 10.72
CA TYR D 106 -21.67 -31.11 11.62
C TYR D 106 -22.74 -30.35 10.85
N SER D 107 -23.82 -30.07 11.51
CA SER D 107 -24.81 -29.14 10.98
C SER D 107 -25.32 -28.23 12.09
N TYR D 108 -26.13 -27.26 11.75
CA TYR D 108 -26.66 -26.35 12.73
C TYR D 108 -28.04 -26.76 13.25
N LYS D 109 -28.28 -26.58 14.56
CA LYS D 109 -29.59 -26.52 15.17
C LYS D 109 -29.79 -25.08 15.64
N LYS D 110 -31.02 -24.70 15.95
CA LYS D 110 -31.26 -23.40 16.58
C LYS D 110 -30.77 -23.49 18.01
N VAL D 111 -30.32 -24.69 18.39
CA VAL D 111 -29.79 -24.97 19.72
C VAL D 111 -28.28 -25.27 19.66
N GLY D 112 -27.57 -24.52 18.82
CA GLY D 112 -26.13 -24.69 18.67
C GLY D 112 -25.75 -25.40 17.37
N LEU D 113 -24.96 -26.46 17.50
CA LEU D 113 -24.56 -27.26 16.35
C LEU D 113 -24.74 -28.76 16.64
N GLU D 114 -25.02 -29.53 15.60
CA GLU D 114 -25.15 -30.97 15.75
C GLU D 114 -24.00 -31.72 15.05
N GLY D 115 -23.28 -32.53 15.81
CA GLY D 115 -22.20 -33.31 15.23
C GLY D 115 -22.68 -34.52 14.46
N HIS D 116 -21.96 -34.87 13.39
CA HIS D 116 -22.31 -36.02 12.56
C HIS D 116 -21.26 -37.12 12.58
N LEU D 117 -20.21 -36.92 13.36
CA LEU D 117 -19.13 -37.88 13.40
C LEU D 117 -19.25 -38.77 14.64
N GLN D 118 -20.43 -38.80 15.22
CA GLN D 118 -20.70 -39.66 16.37
C GLN D 118 -20.22 -41.08 16.07
N GLY D 119 -19.70 -41.76 17.08
CA GLY D 119 -19.20 -43.12 16.92
C GLY D 119 -17.69 -43.18 16.76
N LYS D 120 -17.08 -42.02 16.56
CA LYS D 120 -15.63 -41.94 16.44
C LYS D 120 -15.02 -41.43 17.74
N SER D 121 -13.83 -41.91 18.04
CA SER D 121 -13.06 -41.44 19.18
C SER D 121 -11.78 -40.86 18.61
N ALA D 122 -10.91 -40.33 19.46
CA ALA D 122 -9.67 -39.74 18.95
C ALA D 122 -8.55 -39.73 19.98
N TRP D 123 -7.33 -39.66 19.49
CA TRP D 123 -6.16 -39.57 20.35
C TRP D 123 -5.20 -38.52 19.77
N ILE D 124 -4.93 -37.49 20.57
CA ILE D 124 -4.04 -36.40 20.16
C ILE D 124 -2.71 -36.49 20.91
N ILE D 125 -1.62 -36.61 20.15
CA ILE D 125 -0.27 -36.65 20.70
C ILE D 125 0.48 -35.41 20.25
N THR D 126 0.68 -34.46 21.16
CA THR D 126 1.44 -33.26 20.82
C THR D 126 2.78 -33.19 21.54
N THR D 127 3.71 -32.49 20.92
CA THR D 127 5.00 -32.18 21.51
C THR D 127 5.14 -30.67 21.68
N HIS D 128 5.61 -30.24 22.84
CA HIS D 128 5.91 -28.82 23.04
C HIS D 128 6.96 -28.64 24.14
N ASN D 129 7.54 -27.45 24.21
CA ASN D 129 8.59 -27.17 25.18
C ASN D 129 8.13 -26.24 26.31
N THR D 130 6.83 -26.26 26.60
CA THR D 130 6.29 -25.55 27.76
C THR D 130 6.22 -26.49 28.96
N PRO D 131 6.59 -25.99 30.15
CA PRO D 131 6.54 -26.84 31.35
C PRO D 131 5.11 -27.18 31.80
N SER D 132 4.92 -28.41 32.25
CA SER D 132 3.64 -28.91 32.73
C SER D 132 2.94 -27.99 33.74
N PHE D 133 3.72 -27.26 34.53
CA PHE D 133 3.19 -26.42 35.60
C PHE D 133 2.65 -25.09 35.07
N ALA D 134 2.91 -24.82 33.80
CA ALA D 134 2.45 -23.59 33.16
C ALA D 134 1.18 -23.85 32.36
N MET D 135 0.95 -25.12 32.05
CA MET D 135 -0.13 -25.53 31.16
C MET D 135 -1.54 -25.17 31.63
N PRO D 136 -1.80 -25.23 32.94
CA PRO D 136 -3.15 -24.85 33.41
C PRO D 136 -3.46 -23.40 33.03
N PHE D 137 -2.42 -22.66 32.66
CA PHE D 137 -2.55 -21.23 32.46
C PHE D 137 -2.37 -20.76 31.01
N VAL D 138 -2.21 -21.69 30.08
CA VAL D 138 -2.10 -21.31 28.67
C VAL D 138 -3.27 -21.85 27.86
N GLN D 139 -3.74 -21.06 26.89
CA GLN D 139 -4.88 -21.46 26.07
C GLN D 139 -4.46 -22.37 24.93
N ASP D 140 -5.40 -23.20 24.50
CA ASP D 140 -5.20 -24.16 23.42
C ASP D 140 -4.16 -25.22 23.77
N TYR D 141 -3.07 -25.27 23.01
CA TYR D 141 -2.07 -26.33 23.17
C TYR D 141 -2.69 -27.71 22.95
N GLY D 142 -3.71 -27.76 22.09
CA GLY D 142 -4.36 -29.01 21.73
C GLY D 142 -5.73 -29.19 22.34
N LYS D 143 -6.12 -28.28 23.23
CA LYS D 143 -7.42 -28.32 23.89
C LYS D 143 -8.51 -27.71 23.02
N VAL D 144 -8.14 -26.83 22.10
CA VAL D 144 -9.11 -26.31 21.13
C VAL D 144 -9.58 -27.42 20.16
N LEU D 145 -8.64 -28.16 19.59
CA LEU D 145 -8.99 -29.27 18.72
C LEU D 145 -9.83 -30.29 19.48
N LYS D 146 -9.39 -30.63 20.68
CA LYS D 146 -10.12 -31.58 21.53
C LYS D 146 -11.50 -31.08 21.90
N LYS D 147 -11.55 -29.92 22.56
CA LYS D 147 -12.77 -29.43 23.19
C LYS D 147 -13.68 -28.59 22.27
N GLN D 148 -13.09 -27.90 21.30
CA GLN D 148 -13.85 -26.96 20.49
C GLN D 148 -13.94 -27.34 19.00
N ILE D 149 -13.34 -28.47 18.63
CA ILE D 149 -13.44 -28.95 17.26
C ILE D 149 -13.94 -30.39 17.20
N LEU D 150 -13.11 -31.34 17.60
CA LEU D 150 -13.50 -32.75 17.57
C LEU D 150 -14.76 -33.01 18.39
N LYS D 151 -14.83 -32.43 19.58
CA LYS D 151 -15.97 -32.62 20.48
C LYS D 151 -17.32 -32.13 19.91
N PRO D 152 -17.36 -30.89 19.39
CA PRO D 152 -18.59 -30.40 18.73
C PRO D 152 -19.03 -31.24 17.53
N CYS D 153 -18.12 -32.00 16.93
CA CYS D 153 -18.47 -32.83 15.79
C CYS D 153 -18.90 -34.23 16.23
N ALA D 154 -19.07 -34.39 17.54
CA ALA D 154 -19.56 -35.62 18.16
C ALA D 154 -18.47 -36.69 18.31
N ILE D 155 -17.22 -36.31 18.10
CA ILE D 155 -16.10 -37.23 18.28
C ILE D 155 -15.77 -37.35 19.77
N SER D 156 -15.85 -38.57 20.28
CA SER D 156 -15.74 -38.83 21.71
C SER D 156 -15.59 -40.33 21.98
N PRO D 157 -14.69 -40.70 22.91
CA PRO D 157 -13.82 -39.82 23.70
C PRO D 157 -12.63 -39.27 22.92
N VAL D 158 -12.01 -38.23 23.47
CA VAL D 158 -10.76 -37.72 22.91
C VAL D 158 -9.68 -37.76 23.98
N LYS D 159 -8.64 -38.54 23.74
CA LYS D 159 -7.52 -38.55 24.67
C LYS D 159 -6.54 -37.49 24.22
N LEU D 160 -6.04 -36.71 25.17
CA LEU D 160 -4.98 -35.75 24.87
C LEU D 160 -3.73 -36.20 25.65
N THR D 161 -2.66 -36.47 24.89
CA THR D 161 -1.38 -36.83 25.46
C THR D 161 -0.37 -35.75 25.09
N GLU D 162 0.11 -34.98 26.04
CA GLU D 162 1.08 -33.92 25.73
C GLU D 162 2.48 -34.35 26.20
N LEU D 163 3.48 -34.18 25.36
CA LEU D 163 4.87 -34.42 25.70
C LEU D 163 5.57 -33.08 25.86
N THR D 164 5.78 -32.74 27.12
CA THR D 164 6.17 -31.38 27.48
C THR D 164 7.68 -31.22 27.69
N SER D 165 8.15 -29.98 27.71
CA SER D 165 9.58 -29.68 27.81
C SER D 165 10.37 -30.57 26.87
N ILE D 166 9.82 -30.79 25.69
CA ILE D 166 10.32 -31.82 24.78
C ILE D 166 11.73 -31.55 24.25
N GLU D 167 12.15 -30.30 24.26
CA GLU D 167 13.49 -29.95 23.78
C GLU D 167 14.49 -29.69 24.91
N LYS D 168 14.00 -29.55 26.13
CA LYS D 168 14.87 -29.25 27.27
C LYS D 168 15.39 -30.51 27.96
N ILE D 169 14.67 -31.61 27.80
CA ILE D 169 15.05 -32.89 28.39
C ILE D 169 16.10 -33.62 27.54
N SER D 170 16.62 -34.74 28.05
CA SER D 170 17.69 -35.45 27.36
C SER D 170 17.13 -36.48 26.39
N ASP D 171 18.02 -37.06 25.58
CA ASP D 171 17.62 -38.14 24.68
C ASP D 171 17.02 -39.29 25.48
N ASP D 172 17.68 -39.67 26.57
CA ASP D 172 17.17 -40.72 27.45
C ASP D 172 15.73 -40.47 27.85
N GLU D 173 15.46 -39.25 28.34
CA GLU D 173 14.13 -38.87 28.79
C GLU D 173 13.11 -38.90 27.65
N ARG D 174 13.54 -38.47 26.47
CA ARG D 174 12.64 -38.45 25.32
C ARG D 174 12.36 -39.89 24.90
N GLN D 175 13.38 -40.73 24.97
CA GLN D 175 13.20 -42.14 24.65
C GLN D 175 12.28 -42.80 25.67
N LYS D 176 12.33 -42.31 26.91
CA LYS D 176 11.40 -42.76 27.93
C LYS D 176 9.96 -42.43 27.50
N LEU D 177 9.77 -41.25 26.91
CA LEU D 177 8.44 -40.84 26.46
C LEU D 177 7.96 -41.66 25.25
N LEU D 178 8.92 -42.08 24.42
CA LEU D 178 8.61 -42.88 23.24
C LEU D 178 8.12 -44.27 23.63
N HIS D 179 8.79 -44.87 24.61
CA HIS D 179 8.37 -46.15 25.17
C HIS D 179 6.98 -46.04 25.81
N LYS D 180 6.68 -44.85 26.33
CA LYS D 180 5.38 -44.59 26.94
C LYS D 180 4.27 -44.49 25.88
N VAL D 181 4.58 -43.85 24.75
CA VAL D 181 3.64 -43.74 23.65
C VAL D 181 3.32 -45.12 23.08
N ALA D 182 4.35 -45.96 23.02
CA ALA D 182 4.20 -47.34 22.55
C ALA D 182 3.27 -48.14 23.46
N GLN D 183 3.34 -47.87 24.77
CA GLN D 183 2.46 -48.52 25.75
C GLN D 183 0.99 -48.19 25.50
N ILE D 184 0.67 -46.90 25.46
CA ILE D 184 -0.68 -46.44 25.17
C ILE D 184 -1.19 -47.02 23.86
N THR D 185 -0.33 -47.02 22.84
CA THR D 185 -0.70 -47.52 21.52
C THR D 185 -1.13 -49.00 21.57
N ARG D 186 -0.35 -49.83 22.23
CA ARG D 186 -0.72 -51.24 22.38
C ARG D 186 -2.04 -51.43 23.13
N ASN D 187 -2.31 -50.59 24.12
CA ASN D 187 -3.50 -50.75 24.95
C ASN D 187 -4.76 -50.15 24.33
N ILE D 188 -4.76 -50.00 23.00
CA ILE D 188 -5.89 -49.36 22.32
C ILE D 188 -7.04 -50.32 22.00
PA FAD E . -11.11 10.56 -18.96
O1A FAD E . -11.71 11.91 -19.50
O2A FAD E . -11.52 10.27 -17.68
O5B FAD E . -11.42 9.38 -19.94
C5B FAD E . -11.04 9.58 -21.21
C4B FAD E . -11.67 8.63 -22.19
O4B FAD E . -11.39 7.25 -21.95
C3B FAD E . -13.25 8.69 -22.25
O3B FAD E . -13.86 8.66 -23.45
C2B FAD E . -13.62 7.57 -21.33
O2B FAD E . -14.94 7.17 -21.25
C1B FAD E . -12.54 6.60 -21.63
N9A FAD E . -12.43 5.47 -20.75
C8A FAD E . -12.65 5.50 -19.47
N7A FAD E . -12.49 4.26 -18.95
C5A FAD E . -12.25 3.45 -20.00
C6A FAD E . -11.95 2.13 -20.04
N6A FAD E . -12.07 1.40 -18.83
N1A FAD E . -11.75 1.51 -21.18
C2A FAD E . -11.79 2.20 -22.31
N3A FAD E . -12.06 3.53 -22.26
C4A FAD E . -12.19 4.16 -21.09
N1 FAD E . -4.07 17.31 -23.77
C2 FAD E . -3.02 17.62 -24.79
O2 FAD E . -2.69 16.60 -25.60
N3 FAD E . -1.91 18.53 -24.25
C4 FAD E . -2.33 19.76 -23.37
O4 FAD E . -1.26 20.28 -22.75
C4X FAD E . -3.50 19.45 -22.45
N5 FAD E . -3.73 20.18 -21.23
C5X FAD E . -4.91 19.95 -20.46
C6 FAD E . -5.14 20.74 -19.34
C7 FAD E . -6.22 20.51 -18.54
C7M FAD E . -6.54 21.33 -17.31
C8 FAD E . -7.01 19.49 -18.81
C8M FAD E . -8.14 19.12 -17.90
C9 FAD E . -6.74 18.67 -19.84
C9A FAD E . -5.65 18.91 -20.67
N10 FAD E . -5.38 17.96 -21.68
C10 FAD E . -4.26 18.12 -22.55
C1' FAD E . -6.24 16.81 -21.80
C2' FAD E . -5.78 15.53 -21.10
O2' FAD E . -4.42 15.30 -21.12
C3' FAD E . -6.70 14.30 -21.25
O3' FAD E . -8.00 14.62 -20.94
C4' FAD E . -6.23 13.11 -20.42
O4' FAD E . -4.99 12.75 -20.74
C5' FAD E . -7.19 11.93 -20.30
O5' FAD E . -7.09 11.11 -19.19
P FAD E . -8.29 11.07 -18.15
O1P FAD E . -7.90 10.18 -16.89
O2P FAD E . -8.41 12.40 -17.71
O3P FAD E . -9.52 10.65 -19.09
N1N NAP F . 18.08 22.43 -11.05
C2N NAP F . 18.56 23.35 -10.15
C3N NAP F . 18.13 23.32 -8.75
C7N NAP F . 18.64 24.32 -7.68
O7N NAP F . 19.15 25.35 -7.89
N7N NAP F . 18.47 23.93 -6.32
C4N NAP F . 17.23 22.31 -8.38
C5N NAP F . 16.69 21.43 -9.34
C6N NAP F . 17.17 21.43 -10.67
PA FAD G . 16.59 34.49 -4.07
O1A FAD G . 17.09 33.23 -3.26
O2A FAD G . 15.73 35.26 -3.31
O5B FAD G . 17.83 35.44 -4.23
C5B FAD G . 18.78 35.07 -5.15
C4B FAD G . 20.00 35.95 -5.05
O4B FAD G . 19.76 37.31 -5.37
C3B FAD G . 20.70 36.00 -3.65
O3B FAD G . 22.06 35.84 -3.68
C2B FAD G . 20.14 37.30 -3.07
O2B FAD G . 20.59 37.80 -1.87
C1B FAD G . 20.15 38.10 -4.31
N9A FAD G . 19.40 39.33 -4.21
C8A FAD G . 18.19 39.50 -3.67
N7A FAD G . 17.86 40.83 -3.80
C5A FAD G . 18.90 41.47 -4.41
C6A FAD G . 19.04 42.75 -4.87
N6A FAD G . 18.13 43.78 -4.50
N1A FAD G . 20.18 43.13 -5.42
C2A FAD G . 21.06 42.20 -5.71
N3A FAD G . 20.86 40.91 -5.41
C4A FAD G . 19.84 40.57 -4.68
N1 FAD G . 17.33 26.65 -11.32
C2 FAD G . 17.76 26.03 -12.61
O2 FAD G . 18.47 26.75 -13.46
N3 FAD G . 16.74 25.06 -13.21
C4 FAD G . 15.85 24.13 -12.36
O4 FAD G . 14.88 23.40 -12.98
C4X FAD G . 15.58 24.72 -10.98
N5 FAD G . 14.64 24.14 -10.05
C5X FAD G . 14.55 24.66 -8.72
C6 FAD G . 13.56 24.13 -7.93
C7 FAD G . 13.34 24.54 -6.68
C7M FAD G . 12.28 23.87 -5.85
C8 FAD G . 13.95 25.64 -6.27
C8M FAD G . 13.64 26.22 -4.90
C9 FAD G . 14.89 26.21 -7.06
C9A FAD G . 15.16 25.72 -8.34
N10 FAD G . 16.10 26.38 -9.14
C10 FAD G . 16.43 25.88 -10.43
C1' FAD G . 16.71 27.65 -8.78
C2' FAD G . 15.75 28.83 -8.98
O2' FAD G . 15.29 29.05 -10.25
C3' FAD G . 16.27 30.08 -8.31
O3' FAD G . 16.56 29.87 -7.02
C4' FAD G . 15.50 31.34 -8.70
O4' FAD G . 15.44 31.58 -10.02
C5' FAD G . 15.98 32.57 -7.96
O5' FAD G . 15.07 33.55 -7.64
P FAD G . 14.68 33.89 -6.13
O1P FAD G . 13.87 35.23 -6.11
O2P FAD G . 14.22 32.79 -5.46
O3P FAD G . 16.12 34.19 -5.53
N1N NAP H . -4.03 21.44 -24.96
C2N NAP H . -5.10 20.59 -25.14
C3N NAP H . -6.21 20.67 -24.25
C7N NAP H . -7.41 19.74 -24.35
O7N NAP H . -7.54 18.99 -25.25
N7N NAP H . -8.36 19.81 -23.29
C4N NAP H . -6.21 21.65 -23.25
C5N NAP H . -5.18 22.63 -23.18
C6N NAP H . -4.03 22.49 -23.97
PA FAD I . -20.23 -12.88 5.29
O1A FAD I . -20.77 -14.36 5.25
O2A FAD I . -19.56 -12.51 4.12
O5B FAD I . -21.47 -11.92 5.64
C5B FAD I . -22.15 -12.00 6.83
C4B FAD I . -23.40 -11.17 6.81
O4B FAD I . -23.21 -9.72 6.70
C3B FAD I . -24.37 -11.49 5.63
O3B FAD I . -25.67 -11.82 5.86
C2B FAD I . -24.05 -10.41 4.66
O2B FAD I . -24.83 -10.38 3.52
C1B FAD I . -23.86 -9.29 5.57
N9A FAD I . -23.15 -8.20 4.98
C8A FAD I . -22.51 -8.16 3.87
N7A FAD I . -22.04 -6.89 3.73
C5A FAD I . -22.68 -6.08 4.60
C6A FAD I . -22.66 -4.73 4.82
N6A FAD I . -21.98 -3.80 3.98
N1A FAD I . -23.40 -4.26 5.77
C2A FAD I . -24.06 -5.08 6.60
N3A FAD I . -24.02 -6.41 6.42
C4A FAD I . -23.38 -6.88 5.37
N1 FAD I . -18.24 -19.05 14.11
C2 FAD I . -18.18 -19.19 15.62
O2 FAD I . -18.48 -18.09 16.35
N3 FAD I . -16.97 -19.98 16.13
C4 FAD I . -15.97 -20.69 15.17
O4 FAD I . -15.31 -21.73 15.71
C4X FAD I . -16.49 -20.89 13.74
N5 FAD I . -15.74 -21.62 12.76
C5X FAD I . -15.84 -21.38 11.36
C6 FAD I . -15.15 -22.25 10.53
C7 FAD I . -15.33 -22.21 9.21
C7M FAD I . -14.45 -23.11 8.35
C8 FAD I . -16.12 -21.27 8.67
C8M FAD I . -16.16 -21.10 7.18
C9 FAD I . -16.78 -20.39 9.48
C9A FAD I . -16.67 -20.52 10.87
N10 FAD I . -17.45 -19.69 11.74
C10 FAD I . -17.33 -19.75 13.18
C1' FAD I . -18.31 -18.67 11.19
C2' FAD I . -17.58 -17.39 10.91
O2' FAD I . -16.89 -16.85 11.98
C3' FAD I . -18.41 -16.40 10.09
O3' FAD I . -18.96 -16.96 8.96
C4' FAD I . -17.68 -15.07 9.92
O4' FAD I . -17.05 -14.53 11.02
C5' FAD I . -18.43 -14.03 9.13
O5' FAD I . -17.65 -13.10 8.48
P FAD I . -17.83 -13.10 6.88
O1P FAD I . -16.98 -11.89 6.30
O2P FAD I . -17.51 -14.31 6.28
O3P FAD I . -19.41 -12.86 6.67
PA NAP J . -20.85 -22.86 23.42
O1A NAP J . -22.22 -23.69 23.15
O2A NAP J . -21.15 -21.78 24.30
O5B NAP J . -19.66 -23.83 23.94
O3 NAP J . -20.38 -21.97 22.14
PN NAP J . -20.34 -22.23 20.55
O1N NAP J . -21.70 -22.28 19.64
O2N NAP J . -19.41 -20.92 20.23
O5D NAP J . -19.27 -23.40 19.96
C5D NAP J . -17.85 -23.17 20.20
C4D NAP J . -16.93 -23.56 19.03
O4D NAP J . -16.96 -22.91 17.76
C3D NAP J . -17.58 -24.91 18.68
O3D NAP J . -18.32 -25.57 19.66
C2D NAP J . -18.46 -24.55 17.47
O2D NAP J . -18.42 -25.51 16.54
C1D NAP J . -18.12 -23.18 17.04
N1N NAP J . -18.12 -23.29 15.53
C2N NAP J . -19.05 -22.65 14.71
C3N NAP J . -19.03 -22.76 13.23
C7N NAP J . -20.01 -22.03 12.27
O7N NAP J . -20.29 -22.47 11.27
N7N NAP J . -20.55 -20.74 12.55
C4N NAP J . -18.12 -23.67 12.69
C5N NAP J . -17.24 -24.39 13.53
C6N NAP J . -17.17 -24.15 14.91
N1N NAP K . 6.56 -20.35 22.16
C2N NAP K . 7.66 -21.21 22.16
C3N NAP K . 8.41 -21.59 20.97
C7N NAP K . 9.59 -22.58 21.06
O7N NAP K . 10.48 -22.63 20.28
N7N NAP K . 9.62 -23.49 22.19
C4N NAP K . 7.97 -21.08 19.74
C5N NAP K . 6.84 -20.19 19.71
C6N NAP K . 6.19 -19.78 20.91
PA FAD L . 12.75 -32.23 16.56
O1A FAD L . 13.42 -30.82 16.48
O2A FAD L . 12.77 -32.90 15.35
O5B FAD L . 13.56 -32.95 17.71
C5B FAD L . 13.56 -32.45 18.97
C4B FAD L . 14.55 -33.16 19.86
O4B FAD L . 14.39 -34.60 19.90
C3B FAD L . 16.06 -32.97 19.50
O3B FAD L . 17.00 -32.52 20.38
C2B FAD L . 16.25 -34.18 18.61
O2B FAD L . 17.52 -34.44 18.22
C1B FAD L . 15.51 -35.19 19.39
N9A FAD L . 15.21 -36.49 18.84
C8A FAD L . 14.91 -36.80 17.62
N7A FAD L . 14.64 -38.13 17.58
C5A FAD L . 14.79 -38.63 18.82
C6A FAD L . 14.77 -39.90 19.36
N6A FAD L . 14.52 -41.06 18.56
N1A FAD L . 15.06 -40.08 20.63
C2A FAD L . 15.30 -39.04 21.39
N3A FAD L . 15.55 -37.86 20.83
C4A FAD L . 15.20 -37.64 19.57
N1 FAD L . 6.64 -24.80 21.75
C2 FAD L . 5.92 -24.16 22.90
O2 FAD L . 5.69 -24.92 24.01
N3 FAD L . 4.66 -23.42 22.44
C4 FAD L . 4.55 -22.79 21.03
O4 FAD L . 3.64 -21.80 20.89
C4X FAD L . 5.77 -22.93 20.09
N5 FAD L . 5.55 -22.72 18.69
C5X FAD L . 6.48 -23.16 17.73
C6 FAD L . 6.36 -22.65 16.46
C7 FAD L . 7.13 -23.13 15.47
C7M FAD L . 6.92 -22.69 14.02
C8 FAD L . 8.05 -24.09 15.75
C8M FAD L . 9.03 -24.51 14.69
C9 FAD L . 8.22 -24.55 17.00
C9A FAD L . 7.38 -24.09 18.01
N10 FAD L . 7.56 -24.60 19.33
C10 FAD L . 6.76 -24.10 20.42
C1' FAD L . 8.45 -25.71 19.54
C2' FAD L . 7.83 -27.02 19.13
O2' FAD L . 6.67 -27.29 19.79
C3' FAD L . 8.90 -28.12 19.10
O3' FAD L . 10.05 -27.79 18.43
C4' FAD L . 8.31 -29.51 18.84
O4' FAD L . 7.26 -29.84 19.66
C5' FAD L . 9.36 -30.57 18.63
O5' FAD L . 9.02 -31.69 17.88
P FAD L . 9.89 -31.99 16.61
O1P FAD L . 9.36 -33.33 15.93
O2P FAD L . 9.96 -30.90 15.82
O3P FAD L . 11.33 -32.13 17.29
#